data_4M75
#
_entry.id   4M75
#
_cell.length_a   66.672
_cell.length_b   67.835
_cell.length_c   98.235
_cell.angle_alpha   93.14
_cell.angle_beta   108.21
_cell.angle_gamma   116.30
#
_symmetry.space_group_name_H-M   'P 1'
#
loop_
_entity.id
_entity.type
_entity.pdbx_description
1 polymer 'U6 snRNA-associated Sm-like protein Lsm1'
2 polymer 'U6 snRNA-associated Sm-like protein Lsm2'
3 polymer 'U6 snRNA-associated Sm-like protein Lsm3'
4 polymer 'U6 snRNA-associated Sm-like protein Lsm6'
5 polymer 'U6 snRNA-associated Sm-like protein Lsm5'
6 polymer 'U6 snRNA-associated Sm-like protein Lsm7'
7 polymer 'U6 snRNA-associated Sm-like protein Lsm4'
8 non-polymer 'CHLORIDE ION'
#
loop_
_entity_poly.entity_id
_entity_poly.type
_entity_poly.pdbx_seq_one_letter_code
_entity_poly.pdbx_strand_id
1 'polypeptide(L)'
;(MSE)EADLYLDQYNFTTTAAIVSSVDRKIFVLLRDGR(MSE)LFGVLRTFDQYANLILQDCVERIYFSEENKYAEEDRG
IF(MSE)IRGENVV(MSE)LGEVDIDKEDQPLEA(MSE)ERIPFKEAWLTKQKNDEKRFKEETHKGKK(MSE)ARHGIVY
DFHKSD(MSE)Y
;
A,H
2 'polypeptide(L)'
;(MSE)LFFSFFKTLVDQEVVVELKNDIEIKGTLQSVDQFLNLKLDNISSTDEKKYPHLGSVRNIFIRGSTVRYVYLNKN
(MSE)VDTNLLQDATRREV(MSE)TERK
;
B,I
3 'polypeptide(L)'
;(MSE)ETPLDLLKLNLDERVYIKLRGARTLVGTLQAFDSHSNIVLSDAVETIYQLNNEELSESERRSE(MSE)VFIRGDT
VTLISTPSEDDDGAVEI
;
C,J
4 'polypeptide(L)'
;(MSE)SGKASTEGSVTTEFLSDIIGKTVNVKLASGLLYSGRLESIDGF(MSE)NVALSSATEHYESNNNKLLNKFNSDVF
LRGTQV(MSE)YISEQKI
;
D,K
5 'polypeptide(L)'
;(MSE)SLPEILPLEVIDKTINQKVLIVLQSNREFEGTLVGFDDFVNVILEDAVEWLIDPEDESRNEKV(MSE)QHHGR
(MSE)LLSGNNIAILVPGGKKTPTEAL
;
E,L
6 'polypeptide(L)'
;(MSE)HQQHSKSENKPQQQRKKFEGPKREAILDLAKYKDSKIRVKL(MSE)GGKLVIGVLKGYDQL(MSE)NLVLDDTVE
Y(MSE)SNPDDENNTELISKNARKLGLTVIRGTILVSLSSAEGSDVLY(MSE)QK
;
F,M
7 'polypeptide(L)'
;(MSE)KHHHHHHHGAAGTSLYKKAGENLYFQGS(MSE)LPLYLLTNAKGQQ(MSE)QIELKNGEIIQGILTNVDNW
(MSE)NLTLSNVTEYSEESAINSEDNAESSKAVKLNEIYIRGTFIKFIKLQDNIIDKVKQQI
;
G,N
#
# COMPACT_ATOMS: atom_id res chain seq x y z
N ASP A 4 19.30 2.23 -1.93
CA ASP A 4 18.23 1.36 -2.39
C ASP A 4 16.97 1.57 -1.59
N LEU A 5 16.90 0.91 -0.44
CA LEU A 5 15.69 0.82 0.35
C LEU A 5 15.60 1.87 1.41
N TYR A 6 14.42 2.42 1.59
CA TYR A 6 14.20 3.54 2.50
C TYR A 6 13.45 3.13 3.74
N LEU A 7 14.11 3.22 4.88
CA LEU A 7 13.58 2.66 6.10
C LEU A 7 12.61 3.61 6.75
N ASP A 8 11.70 3.06 7.55
CA ASP A 8 10.73 3.86 8.28
C ASP A 8 11.04 3.86 9.76
N GLN A 9 11.04 5.02 10.38
CA GLN A 9 11.32 5.11 11.81
C GLN A 9 10.30 4.44 12.74
N TYR A 10 9.02 4.54 12.41
CA TYR A 10 7.91 4.14 13.28
C TYR A 10 6.88 3.30 12.56
N ASN A 11 6.01 2.67 13.31
CA ASN A 11 5.01 1.82 12.71
C ASN A 11 3.80 2.61 12.33
N PHE A 12 3.75 3.09 11.10
CA PHE A 12 2.66 3.95 10.68
C PHE A 12 1.45 3.21 10.11
N THR A 13 0.56 2.82 10.97
CA THR A 13 -0.62 2.10 10.57
C THR A 13 -1.68 2.43 11.56
N THR A 14 -2.93 2.17 11.21
CA THR A 14 -4.01 2.43 12.11
C THR A 14 -3.85 1.57 13.33
N THR A 15 -3.52 0.32 13.12
CA THR A 15 -3.41 -0.61 14.20
C THR A 15 -2.34 -0.20 15.19
N ALA A 16 -1.23 0.31 14.70
CA ALA A 16 -0.13 0.69 15.57
C ALA A 16 -0.56 1.77 16.52
N ALA A 17 -1.29 2.75 16.02
CA ALA A 17 -1.74 3.85 16.83
C ALA A 17 -2.74 3.45 17.90
N ILE A 18 -3.71 2.66 17.47
CA ILE A 18 -4.77 2.16 18.33
C ILE A 18 -4.38 1.14 19.37
N VAL A 19 -3.47 0.26 19.01
CA VAL A 19 -3.16 -0.87 19.88
C VAL A 19 -2.64 -0.40 21.21
N SER A 20 -1.85 0.65 21.21
CA SER A 20 -1.21 1.11 22.42
C SER A 20 -2.21 1.44 23.51
N SER A 21 -3.45 1.68 23.13
CA SER A 21 -4.48 2.04 24.08
C SER A 21 -5.24 0.84 24.57
N VAL A 22 -4.80 -0.35 24.21
CA VAL A 22 -5.50 -1.56 24.59
C VAL A 22 -5.44 -1.87 26.07
N ASP A 23 -6.54 -2.41 26.57
CA ASP A 23 -6.73 -2.72 27.98
C ASP A 23 -6.59 -1.48 28.84
N ARG A 24 -6.55 -0.33 28.20
CA ARG A 24 -6.48 0.94 28.90
C ARG A 24 -7.81 1.62 28.84
N LYS A 25 -7.89 2.77 29.48
CA LYS A 25 -9.09 3.57 29.47
C LYS A 25 -8.93 4.63 28.42
N ILE A 26 -9.94 4.76 27.59
CA ILE A 26 -9.93 5.71 26.47
C ILE A 26 -11.15 6.61 26.34
N PHE A 27 -10.96 7.79 25.76
CA PHE A 27 -12.13 8.56 25.37
C PHE A 27 -12.52 8.37 23.93
N VAL A 28 -13.81 8.50 23.65
CA VAL A 28 -14.31 8.38 22.29
C VAL A 28 -15.31 9.49 21.95
N LEU A 29 -15.08 10.20 20.85
CA LEU A 29 -15.99 11.24 20.45
C LEU A 29 -16.72 10.76 19.22
N LEU A 30 -18.04 10.77 19.27
CA LEU A 30 -18.86 10.29 18.18
C LEU A 30 -19.29 11.43 17.29
N ARG A 31 -19.64 11.11 16.07
CA ARG A 31 -20.03 12.10 15.10
C ARG A 31 -21.30 12.81 15.51
N ASP A 32 -22.10 12.17 16.34
CA ASP A 32 -23.30 12.80 16.85
C ASP A 32 -23.01 13.59 18.10
N GLY A 33 -21.75 13.57 18.52
CA GLY A 33 -21.29 14.35 19.65
C GLY A 33 -21.33 13.72 21.00
N ARG A 34 -21.84 12.50 21.11
CA ARG A 34 -21.75 11.72 22.33
C ARG A 34 -20.33 11.56 22.81
N LEU A 36 -17.81 9.49 25.33
CA LEU A 36 -17.89 8.09 25.72
C LEU A 36 -16.58 7.68 26.38
N PHE A 37 -16.70 7.01 27.51
CA PHE A 37 -15.52 6.62 28.26
C PHE A 37 -15.56 5.12 28.59
N GLY A 38 -14.39 4.51 28.66
CA GLY A 38 -14.31 3.09 28.91
C GLY A 38 -12.95 2.50 28.72
N VAL A 39 -12.86 1.20 28.96
CA VAL A 39 -11.63 0.47 28.80
C VAL A 39 -11.70 -0.30 27.53
N LEU A 40 -10.68 -0.16 26.69
CA LEU A 40 -10.71 -0.70 25.35
C LEU A 40 -10.26 -2.14 25.32
N ARG A 41 -11.08 -3.01 24.77
CA ARG A 41 -10.80 -4.42 24.74
C ARG A 41 -10.14 -4.86 23.44
N THR A 42 -10.88 -4.85 22.34
CA THR A 42 -10.28 -5.20 21.08
C THR A 42 -10.72 -4.21 20.01
N PHE A 43 -10.03 -4.17 18.88
CA PHE A 43 -10.25 -3.22 17.83
C PHE A 43 -9.75 -3.80 16.54
N ASP A 44 -9.97 -3.09 15.45
CA ASP A 44 -9.45 -3.55 14.16
C ASP A 44 -8.88 -2.43 13.30
N GLN A 45 -8.48 -2.79 12.08
CA GLN A 45 -7.82 -1.87 11.17
C GLN A 45 -8.76 -0.77 10.69
N TYR A 46 -10.06 -1.08 10.74
CA TYR A 46 -11.11 -0.12 10.45
C TYR A 46 -11.56 0.58 11.71
N ALA A 47 -10.76 0.50 12.76
CA ALA A 47 -11.01 1.18 14.04
C ALA A 47 -12.39 0.90 14.62
N ASN A 48 -12.88 -0.31 14.38
CA ASN A 48 -14.08 -0.80 15.05
C ASN A 48 -13.66 -1.28 16.42
N LEU A 49 -14.32 -0.78 17.47
CA LEU A 49 -13.81 -0.95 18.81
C LEU A 49 -14.79 -1.65 19.69
N ILE A 50 -14.28 -2.35 20.69
CA ILE A 50 -15.10 -2.86 21.75
C ILE A 50 -14.64 -2.23 23.05
N LEU A 51 -15.59 -1.68 23.80
CA LEU A 51 -15.32 -1.00 25.03
C LEU A 51 -16.04 -1.70 26.15
N GLN A 52 -15.40 -1.76 27.30
CA GLN A 52 -15.94 -2.47 28.43
C GLN A 52 -16.15 -1.43 29.49
N ASP A 53 -17.19 -1.61 30.30
CA ASP A 53 -17.44 -0.64 31.34
C ASP A 53 -17.61 0.72 30.72
N CYS A 54 -18.34 0.77 29.61
CA CYS A 54 -18.52 2.01 28.91
C CYS A 54 -19.44 2.93 29.68
N VAL A 55 -19.08 4.20 29.61
CA VAL A 55 -19.73 5.25 30.36
C VAL A 55 -19.89 6.48 29.45
N GLU A 56 -21.12 6.94 29.32
CA GLU A 56 -21.42 8.09 28.49
C GLU A 56 -21.46 9.35 29.34
N ARG A 57 -20.82 10.41 28.89
CA ARG A 57 -20.63 11.56 29.76
C ARG A 57 -20.91 12.93 29.12
N ILE A 58 -22.11 13.45 29.32
CA ILE A 58 -22.51 14.79 28.87
C ILE A 58 -21.92 15.91 29.73
N TYR A 59 -21.13 16.79 29.12
CA TYR A 59 -20.50 17.88 29.84
C TYR A 59 -21.30 19.16 29.71
N PHE A 60 -20.98 20.13 30.55
CA PHE A 60 -21.70 21.40 30.65
C PHE A 60 -20.89 22.58 31.19
N SER A 61 -19.64 22.70 30.76
CA SER A 61 -18.78 23.80 31.21
C SER A 61 -19.52 25.12 31.27
N GLU A 62 -20.64 25.27 30.63
CA GLU A 62 -21.23 26.59 30.74
C GLU A 62 -21.54 26.82 32.22
N GLU A 63 -22.22 25.86 32.83
CA GLU A 63 -22.68 25.97 34.19
C GLU A 63 -21.86 25.09 35.11
N ASN A 64 -20.74 24.60 34.60
CA ASN A 64 -19.85 23.80 35.42
C ASN A 64 -20.52 22.59 36.05
N LYS A 65 -21.29 21.86 35.25
CA LYS A 65 -21.93 20.63 35.71
C LYS A 65 -21.75 19.52 34.68
N TYR A 66 -21.83 18.27 35.14
CA TYR A 66 -21.66 17.12 34.25
C TYR A 66 -22.54 15.94 34.63
N ALA A 67 -22.73 14.99 33.72
CA ALA A 67 -23.55 13.82 34.01
C ALA A 67 -22.85 12.56 33.59
N GLU A 68 -23.23 11.41 34.16
CA GLU A 68 -22.67 10.15 33.72
C GLU A 68 -23.74 9.10 33.69
N GLU A 69 -23.69 8.20 32.72
CA GLU A 69 -24.62 7.10 32.69
C GLU A 69 -23.85 5.90 32.29
N ASP A 70 -24.12 4.79 32.97
CA ASP A 70 -23.41 3.55 32.72
C ASP A 70 -23.89 2.96 31.45
N ARG A 71 -22.99 2.81 30.50
CA ARG A 71 -23.38 2.36 29.19
C ARG A 71 -23.28 0.86 29.09
N GLY A 72 -22.11 0.33 29.36
CA GLY A 72 -21.94 -1.10 29.40
C GLY A 72 -20.83 -1.59 28.50
N ILE A 73 -21.10 -2.69 27.80
CA ILE A 73 -20.20 -3.13 26.74
C ILE A 73 -20.79 -2.80 25.39
N PHE A 74 -20.14 -1.88 24.71
CA PHE A 74 -20.52 -1.41 23.41
C PHE A 74 -19.53 -1.84 22.36
N ILE A 76 -18.37 -0.28 19.01
CA ILE A 76 -18.46 0.94 18.22
C ILE A 76 -18.00 0.73 16.78
N ARG A 77 -18.89 0.92 15.82
CA ARG A 77 -18.50 0.87 14.41
C ARG A 77 -17.69 2.13 14.03
N GLY A 78 -16.44 1.92 13.65
CA GLY A 78 -15.44 2.97 13.58
C GLY A 78 -15.70 4.25 12.78
N GLU A 79 -16.46 4.13 11.70
CA GLU A 79 -16.77 5.28 10.85
C GLU A 79 -17.45 6.41 11.64
N ASN A 80 -17.99 6.07 12.80
CA ASN A 80 -18.70 7.03 13.61
C ASN A 80 -17.85 7.71 14.65
N VAL A 81 -16.56 7.51 14.63
CA VAL A 81 -15.69 8.05 15.66
C VAL A 81 -14.97 9.24 15.09
N VAL A 82 -15.10 10.38 15.74
CA VAL A 82 -14.23 11.51 15.49
C VAL A 82 -12.82 11.36 16.02
N LEU A 84 -10.31 9.18 19.34
CA LEU A 84 -10.21 8.38 20.56
C LEU A 84 -8.87 8.61 21.22
N GLY A 85 -8.84 8.60 22.55
CA GLY A 85 -7.63 8.84 23.28
C GLY A 85 -7.51 8.03 24.53
N GLU A 86 -6.27 7.74 24.88
CA GLU A 86 -5.90 7.12 26.14
C GLU A 86 -5.95 8.15 27.25
N VAL A 87 -6.81 7.95 28.22
CA VAL A 87 -7.00 8.92 29.27
C VAL A 87 -5.80 8.95 30.18
N ASP A 88 -5.93 9.61 31.33
CA ASP A 88 -4.85 9.71 32.29
C ASP A 88 -5.38 9.82 33.71
N ILE A 89 -5.29 8.73 34.47
CA ILE A 89 -5.76 8.72 35.84
C ILE A 89 -4.86 9.55 36.76
N ASP A 90 -4.07 10.43 36.16
CA ASP A 90 -3.21 11.28 36.95
C ASP A 90 -3.73 12.70 36.94
N LYS A 91 -4.29 13.10 35.81
CA LYS A 91 -4.82 14.44 35.67
C LYS A 91 -6.31 14.37 35.34
N GLU A 92 -7.00 13.39 35.91
CA GLU A 92 -8.42 13.22 35.60
C GLU A 92 -9.33 13.33 36.83
N ASP A 93 -8.79 13.82 37.93
CA ASP A 93 -9.52 13.89 39.18
C ASP A 93 -9.74 15.31 39.70
N GLN A 94 -8.82 16.20 39.36
CA GLN A 94 -8.91 17.60 39.79
C GLN A 94 -9.78 18.41 38.83
N PRO A 95 -9.60 18.22 37.54
CA PRO A 95 -10.41 18.93 36.55
C PRO A 95 -11.90 18.78 36.84
N LEU A 96 -12.32 17.54 37.11
CA LEU A 96 -13.70 17.23 37.44
C LEU A 96 -13.95 17.33 38.94
N GLU A 100 -20.19 20.23 39.91
CA GLU A 100 -21.31 19.52 40.49
C GLU A 100 -21.87 18.67 39.38
N ARG A 101 -22.40 17.50 39.71
CA ARG A 101 -22.89 16.65 38.66
C ARG A 101 -24.38 16.49 38.76
N ILE A 102 -25.09 16.89 37.72
CA ILE A 102 -26.52 16.70 37.66
C ILE A 102 -26.91 15.27 37.38
N PRO A 103 -28.19 14.95 37.60
CA PRO A 103 -28.71 13.62 37.26
C PRO A 103 -28.75 13.49 35.74
N PHE A 104 -28.42 12.31 35.22
CA PHE A 104 -28.34 12.12 33.78
C PHE A 104 -29.59 12.40 32.95
N LYS A 105 -30.74 11.97 33.44
CA LYS A 105 -31.92 11.92 32.59
C LYS A 105 -32.20 13.32 32.11
N GLU A 106 -31.94 14.28 32.97
CA GLU A 106 -32.10 15.66 32.60
C GLU A 106 -31.15 16.00 31.46
N ALA A 107 -29.94 15.46 31.52
CA ALA A 107 -28.90 15.86 30.59
C ALA A 107 -29.33 15.58 29.16
N TRP A 108 -29.76 14.35 28.90
CA TRP A 108 -30.24 13.98 27.58
C TRP A 108 -31.38 14.90 27.16
N LEU A 109 -32.20 15.29 28.14
CA LEU A 109 -33.30 16.20 27.88
C LEU A 109 -32.78 17.58 27.47
N THR A 110 -31.95 18.17 28.33
CA THR A 110 -31.33 19.46 28.03
C THR A 110 -30.46 19.34 26.79
N LYS A 111 -29.72 18.24 26.69
CA LYS A 111 -28.85 18.00 25.56
C LYS A 111 -29.65 17.95 24.26
N GLN A 112 -30.79 17.26 24.31
CA GLN A 112 -31.65 17.14 23.14
C GLN A 112 -32.18 18.52 22.71
N LYS A 113 -32.66 19.28 23.68
CA LYS A 113 -33.18 20.62 23.42
C LYS A 113 -32.08 21.56 22.95
N ASN A 114 -30.96 21.53 23.65
CA ASN A 114 -29.82 22.36 23.30
C ASN A 114 -29.19 21.93 21.98
N ASP A 115 -29.07 20.62 21.79
CA ASP A 115 -28.49 20.06 20.57
C ASP A 115 -29.48 20.11 19.43
N GLU A 116 -30.77 20.05 19.75
CA GLU A 116 -31.83 20.09 18.75
C GLU A 116 -32.00 21.50 18.19
N LYS A 117 -32.12 22.48 19.08
CA LYS A 117 -32.29 23.86 18.68
C LYS A 117 -31.24 24.27 17.65
N ARG A 118 -30.07 23.62 17.72
CA ARG A 118 -28.99 23.91 16.80
C ARG A 118 -29.31 23.44 15.39
N PHE A 119 -29.68 22.16 15.29
CA PHE A 119 -30.02 21.55 14.01
C PHE A 119 -30.92 22.47 13.20
N LYS A 120 -32.00 22.94 13.82
CA LYS A 120 -32.90 23.84 13.12
C LYS A 120 -32.23 25.15 12.76
N GLU A 121 -31.59 25.77 13.73
CA GLU A 121 -30.99 27.05 13.49
C GLU A 121 -29.92 26.95 12.44
N GLU A 122 -29.04 25.98 12.57
CA GLU A 122 -27.97 25.83 11.60
C GLU A 122 -28.53 25.42 10.24
N THR A 123 -29.55 24.59 10.26
CA THR A 123 -30.18 24.12 9.04
C THR A 123 -31.00 25.23 8.37
N HIS A 124 -31.32 26.26 9.14
CA HIS A 124 -32.10 27.38 8.63
C HIS A 124 -31.18 28.50 8.16
N LYS A 125 -30.10 28.73 8.90
CA LYS A 125 -29.14 29.77 8.55
C LYS A 125 -28.22 29.32 7.43
N GLY A 126 -28.20 28.02 7.18
CA GLY A 126 -27.37 27.45 6.14
C GLY A 126 -28.08 27.36 4.80
N LYS A 127 -29.29 26.83 4.83
CA LYS A 127 -30.10 26.68 3.62
C LYS A 127 -30.06 27.95 2.78
N LYS A 128 -29.98 29.10 3.46
CA LYS A 128 -29.93 30.35 2.79
C LYS A 128 -28.50 30.73 2.57
N ALA A 130 -26.54 28.62 0.17
CA ALA A 130 -26.25 28.15 -1.18
C ALA A 130 -26.83 29.09 -2.22
N ARG A 131 -28.05 29.57 -1.99
CA ARG A 131 -28.72 30.48 -2.91
C ARG A 131 -27.85 31.70 -3.19
N HIS A 132 -26.87 31.94 -2.33
CA HIS A 132 -25.96 33.07 -2.48
C HIS A 132 -24.61 32.63 -3.04
N GLY A 133 -24.31 31.34 -2.90
CA GLY A 133 -23.06 30.79 -3.37
C GLY A 133 -22.16 30.31 -2.24
N ILE A 134 -22.79 29.91 -1.13
CA ILE A 134 -22.04 29.43 0.02
C ILE A 134 -22.23 27.93 0.21
N VAL A 135 -21.27 27.30 0.89
CA VAL A 135 -21.33 25.86 1.14
C VAL A 135 -21.42 25.57 2.63
N TYR A 136 -22.63 25.33 3.11
CA TYR A 136 -22.86 25.03 4.52
C TYR A 136 -23.66 23.75 4.69
N ASP A 137 -22.98 22.60 4.56
CA ASP A 137 -23.64 21.31 4.69
C ASP A 137 -23.70 20.86 6.15
N PHE A 138 -24.90 20.88 6.72
CA PHE A 138 -25.09 20.47 8.10
C PHE A 138 -26.16 19.39 8.22
N HIS A 139 -25.76 18.22 8.73
CA HIS A 139 -26.67 17.10 8.88
C HIS A 139 -27.06 16.91 10.35
N LYS A 140 -27.98 15.98 10.58
CA LYS A 140 -28.44 15.71 11.94
C LYS A 140 -27.63 14.58 12.58
N SER A 141 -26.61 14.11 11.86
CA SER A 141 -25.77 13.04 12.36
C SER A 141 -24.34 13.53 12.59
N ASP A 142 -23.99 14.69 12.05
CA ASP A 142 -22.63 15.22 12.22
C ASP A 142 -22.58 16.52 13.04
N TYR A 144 -20.72 16.73 16.06
CA TYR A 144 -19.64 16.66 17.03
C TYR A 144 -19.01 18.03 17.22
N LEU B 2 1.42 9.83 -1.79
CA LEU B 2 2.28 10.99 -1.63
C LEU B 2 2.04 11.74 -0.32
N PHE B 3 0.79 11.97 0.04
CA PHE B 3 0.50 12.72 1.25
C PHE B 3 0.81 11.90 2.46
N PHE B 4 0.68 10.61 2.31
CA PHE B 4 1.07 9.68 3.38
C PHE B 4 2.57 9.80 3.65
N SER B 5 3.36 9.77 2.59
CA SER B 5 4.81 9.89 2.71
C SER B 5 5.18 11.28 3.22
N PHE B 6 4.41 12.28 2.84
CA PHE B 6 4.65 13.64 3.27
C PHE B 6 4.78 13.68 4.77
N PHE B 7 3.71 13.33 5.47
CA PHE B 7 3.61 13.49 6.91
C PHE B 7 4.68 12.82 7.76
N LYS B 8 5.12 11.65 7.35
CA LYS B 8 6.11 10.92 8.12
C LYS B 8 7.39 11.72 8.28
N THR B 9 7.57 12.72 7.42
CA THR B 9 8.69 13.63 7.54
C THR B 9 8.21 14.73 8.42
N LEU B 10 7.01 14.57 8.93
CA LEU B 10 6.40 15.58 9.77
C LEU B 10 6.18 14.99 11.14
N VAL B 11 6.60 13.74 11.32
CA VAL B 11 6.42 13.13 12.60
C VAL B 11 7.37 13.70 13.62
N ASP B 12 6.87 13.90 14.83
CA ASP B 12 7.66 14.37 15.95
C ASP B 12 7.79 15.87 15.95
N GLN B 13 6.82 16.55 15.32
CA GLN B 13 6.82 18.00 15.20
C GLN B 13 5.48 18.62 15.56
N GLU B 14 5.49 19.89 15.97
CA GLU B 14 4.29 20.55 16.45
C GLU B 14 3.41 21.04 15.29
N VAL B 15 2.10 21.00 15.49
CA VAL B 15 1.16 21.45 14.46
C VAL B 15 -0.25 21.55 15.00
N VAL B 16 -1.11 22.25 14.27
CA VAL B 16 -2.49 22.43 14.66
C VAL B 16 -3.41 21.75 13.61
N VAL B 17 -4.55 21.26 14.05
CA VAL B 17 -5.45 20.51 13.19
C VAL B 17 -6.88 20.99 13.35
N GLU B 18 -7.35 21.81 12.41
CA GLU B 18 -8.72 22.32 12.44
C GLU B 18 -9.72 21.28 11.94
N LEU B 19 -10.57 20.81 12.83
CA LEU B 19 -11.60 19.87 12.49
C LEU B 19 -12.71 20.57 11.74
N LYS B 20 -13.62 19.80 11.16
CA LYS B 20 -14.75 20.38 10.44
C LYS B 20 -15.67 21.08 11.44
N ASN B 21 -15.35 20.89 12.70
CA ASN B 21 -16.00 21.55 13.81
C ASN B 21 -15.81 23.03 13.79
N ASP B 22 -14.62 23.42 13.34
CA ASP B 22 -13.97 24.70 13.61
C ASP B 22 -13.04 24.56 14.79
N ILE B 23 -13.08 23.41 15.43
CA ILE B 23 -12.23 23.13 16.58
C ILE B 23 -10.78 23.02 16.17
N GLU B 24 -9.89 23.43 17.05
CA GLU B 24 -8.50 23.41 16.69
C GLU B 24 -7.73 22.72 17.77
N ILE B 25 -6.89 21.78 17.40
CA ILE B 25 -6.11 21.06 18.35
C ILE B 25 -4.65 21.17 17.99
N LYS B 26 -3.82 21.49 18.97
CA LYS B 26 -2.38 21.57 18.74
C LYS B 26 -1.70 20.44 19.50
N GLY B 27 -0.72 19.79 18.86
CA GLY B 27 -0.07 18.66 19.47
C GLY B 27 1.14 18.24 18.67
N THR B 28 1.92 17.33 19.21
CA THR B 28 3.10 16.87 18.49
C THR B 28 2.66 15.64 17.73
N LEU B 29 3.03 15.55 16.47
CA LEU B 29 2.59 14.46 15.63
C LEU B 29 3.41 13.23 15.86
N GLN B 30 2.73 12.11 16.02
CA GLN B 30 3.30 10.87 16.47
C GLN B 30 3.06 9.75 15.48
N SER B 31 2.07 9.92 14.63
CA SER B 31 1.76 8.91 13.60
C SER B 31 0.68 9.31 12.57
N VAL B 32 0.76 8.67 11.40
CA VAL B 32 -0.23 8.77 10.33
C VAL B 32 -0.40 7.39 9.72
N ASP B 33 -1.49 7.18 9.00
CA ASP B 33 -1.64 5.98 8.16
C ASP B 33 -2.13 6.39 6.79
N GLN B 34 -2.02 5.47 5.84
CA GLN B 34 -2.31 5.85 4.48
C GLN B 34 -3.72 6.42 4.46
N PHE B 35 -4.40 6.41 5.58
CA PHE B 35 -5.75 6.93 5.58
C PHE B 35 -5.69 8.38 6.01
N LEU B 36 -4.49 8.86 6.27
CA LEU B 36 -4.32 10.22 6.69
C LEU B 36 -5.11 10.47 7.95
N ASN B 37 -5.38 9.42 8.70
CA ASN B 37 -5.78 9.55 10.08
C ASN B 37 -4.58 10.04 10.87
N LEU B 38 -4.81 10.86 11.88
CA LEU B 38 -3.72 11.48 12.62
C LEU B 38 -3.69 11.14 14.12
N LYS B 39 -2.51 10.86 14.64
CA LYS B 39 -2.32 10.62 16.06
C LYS B 39 -1.45 11.72 16.60
N LEU B 40 -1.86 12.41 17.66
CA LEU B 40 -1.04 13.45 18.29
C LEU B 40 -0.74 13.22 19.79
N ASP B 41 0.13 14.05 20.37
CA ASP B 41 0.68 13.79 21.72
C ASP B 41 0.60 14.87 22.82
N ASN B 42 0.88 16.12 22.51
CA ASN B 42 0.91 17.16 23.54
C ASN B 42 -0.25 18.11 23.45
N ILE B 43 -1.44 17.60 23.69
CA ILE B 43 -2.66 18.32 23.39
C ILE B 43 -2.93 19.64 24.09
N SER B 44 -3.51 20.55 23.34
CA SER B 44 -4.01 21.82 23.82
C SER B 44 -4.94 22.40 22.77
N SER B 45 -6.25 22.30 23.00
CA SER B 45 -7.24 22.81 22.05
C SER B 45 -7.54 24.27 22.33
N THR B 46 -8.17 24.94 21.36
CA THR B 46 -8.52 26.35 21.50
C THR B 46 -9.81 26.52 22.29
N ASP B 47 -10.85 25.80 21.87
CA ASP B 47 -12.15 25.86 22.54
C ASP B 47 -12.22 24.92 23.73
N GLU B 48 -11.45 25.25 24.77
CA GLU B 48 -11.42 24.42 25.98
C GLU B 48 -12.64 24.67 26.85
N LYS B 49 -13.80 24.72 26.23
CA LYS B 49 -15.02 24.86 26.98
C LYS B 49 -15.96 23.71 26.66
N LYS B 50 -16.17 23.46 25.38
CA LYS B 50 -16.91 22.29 24.93
C LYS B 50 -16.25 20.95 25.21
N TYR B 51 -14.94 20.86 25.08
CA TYR B 51 -14.26 19.62 25.39
C TYR B 51 -13.33 19.80 26.56
N PRO B 52 -13.85 19.59 27.77
CA PRO B 52 -13.08 19.80 28.99
C PRO B 52 -12.23 18.59 29.41
N HIS B 53 -12.24 17.52 28.62
CA HIS B 53 -11.45 16.36 28.96
C HIS B 53 -10.18 16.33 28.17
N LEU B 54 -10.06 17.20 27.21
CA LEU B 54 -8.89 17.22 26.36
C LEU B 54 -7.68 17.58 27.20
N GLY B 55 -7.92 18.08 28.40
CA GLY B 55 -6.83 18.25 29.35
C GLY B 55 -6.25 16.97 29.93
N SER B 56 -7.08 16.04 30.39
CA SER B 56 -6.59 14.74 30.85
C SER B 56 -6.63 13.70 29.73
N VAL B 57 -5.82 13.90 28.71
CA VAL B 57 -5.68 12.90 27.68
C VAL B 57 -4.25 12.93 27.21
N ARG B 58 -3.66 11.74 27.33
CA ARG B 58 -2.29 11.41 26.98
C ARG B 58 -2.16 11.44 25.48
N ASN B 59 -3.11 10.78 24.85
CA ASN B 59 -3.16 10.55 23.42
C ASN B 59 -4.48 10.93 22.81
N ILE B 60 -4.45 11.49 21.62
CA ILE B 60 -5.63 11.53 20.79
C ILE B 60 -5.30 11.09 19.38
N PHE B 61 -6.19 10.32 18.79
CA PHE B 61 -6.04 9.80 17.46
C PHE B 61 -7.21 10.32 16.66
N ILE B 62 -6.96 10.93 15.52
CA ILE B 62 -8.03 11.59 14.79
C ILE B 62 -8.33 10.96 13.44
N ARG B 63 -9.59 10.74 13.18
CA ARG B 63 -10.04 10.21 11.90
C ARG B 63 -9.88 11.23 10.81
N GLY B 64 -9.39 10.81 9.66
CA GLY B 64 -9.06 11.76 8.64
C GLY B 64 -10.23 12.60 8.20
N SER B 65 -11.38 11.98 8.09
CA SER B 65 -12.55 12.58 7.46
C SER B 65 -13.02 13.83 8.15
N THR B 66 -12.86 13.82 9.45
CA THR B 66 -13.21 14.90 10.31
C THR B 66 -12.38 16.14 10.05
N VAL B 67 -11.16 15.93 9.60
CA VAL B 67 -10.21 16.99 9.38
C VAL B 67 -10.59 17.95 8.27
N ARG B 68 -10.30 19.22 8.48
CA ARG B 68 -10.49 20.20 7.45
C ARG B 68 -9.16 20.71 6.96
N TYR B 69 -8.35 21.16 7.91
CA TYR B 69 -7.03 21.69 7.62
C TYR B 69 -6.04 21.14 8.59
N VAL B 70 -4.78 21.13 8.18
CA VAL B 70 -3.68 20.96 9.07
C VAL B 70 -2.77 22.15 8.86
N TYR B 71 -2.42 22.84 9.93
CA TYR B 71 -1.61 24.03 9.82
C TYR B 71 -0.19 23.72 10.24
N LEU B 72 0.77 24.11 9.42
CA LEU B 72 2.18 23.86 9.69
C LEU B 72 3.02 25.09 9.44
N ASN B 73 4.24 25.11 9.97
CA ASN B 73 5.19 26.15 9.64
C ASN B 73 5.82 25.95 8.27
N LYS B 74 6.26 27.03 7.65
CA LYS B 74 6.85 26.96 6.32
C LYS B 74 8.09 26.11 6.34
N ASN B 75 8.85 26.22 7.43
CA ASN B 75 10.16 25.59 7.53
C ASN B 75 10.10 24.08 7.73
N VAL B 77 8.67 21.69 5.45
CA VAL B 77 9.03 20.91 4.26
C VAL B 77 9.22 21.72 2.96
N ASP B 78 9.80 21.04 1.98
CA ASP B 78 10.20 21.63 0.70
C ASP B 78 9.02 21.82 -0.25
N THR B 79 8.87 23.04 -0.75
CA THR B 79 7.84 23.35 -1.73
C THR B 79 8.24 22.80 -3.09
N ASN B 80 9.55 22.79 -3.34
CA ASN B 80 10.08 22.27 -4.59
C ASN B 80 9.95 20.75 -4.66
N LEU B 81 10.18 20.11 -3.51
CA LEU B 81 10.07 18.67 -3.39
C LEU B 81 8.62 18.23 -3.52
N LEU B 82 7.72 18.90 -2.79
CA LEU B 82 6.33 18.57 -2.88
C LEU B 82 5.94 18.64 -4.33
N GLN B 83 6.15 19.80 -4.92
CA GLN B 83 5.78 20.04 -6.32
C GLN B 83 6.37 18.98 -7.22
N ASP B 84 7.62 18.60 -6.95
CA ASP B 84 8.28 17.58 -7.76
C ASP B 84 7.62 16.22 -7.57
N ALA B 85 7.41 15.84 -6.32
CA ALA B 85 6.75 14.57 -6.03
C ALA B 85 5.36 14.54 -6.64
N THR B 86 4.66 15.64 -6.55
CA THR B 86 3.32 15.69 -7.09
C THR B 86 3.34 15.49 -8.62
N ARG B 87 4.39 16.01 -9.27
CA ARG B 87 4.51 15.89 -10.72
C ARG B 87 4.63 14.44 -11.15
N ARG B 88 5.43 13.69 -10.40
CA ARG B 88 5.68 12.29 -10.74
C ARG B 88 4.46 11.40 -10.54
N GLU B 89 3.63 11.74 -9.55
CA GLU B 89 2.45 10.94 -9.23
C GLU B 89 1.60 10.69 -10.46
N VAL B 90 1.19 9.43 -10.65
CA VAL B 90 0.36 9.06 -11.78
C VAL B 90 -0.98 9.79 -11.75
N PRO C 4 -8.95 15.55 -15.71
CA PRO C 4 -8.88 16.94 -15.25
C PRO C 4 -7.77 17.13 -14.22
N LEU C 5 -7.41 16.07 -13.51
CA LEU C 5 -6.35 16.12 -12.51
C LEU C 5 -5.14 16.88 -13.03
N ASP C 6 -4.77 16.60 -14.28
CA ASP C 6 -3.63 17.25 -14.90
C ASP C 6 -3.75 18.77 -14.97
N LEU C 7 -4.95 19.28 -15.22
CA LEU C 7 -5.19 20.69 -15.47
C LEU C 7 -4.70 21.40 -14.22
N LEU C 8 -4.69 20.60 -13.15
CA LEU C 8 -4.15 20.96 -11.86
C LEU C 8 -2.66 20.94 -11.91
N LYS C 9 -2.09 20.01 -12.66
CA LYS C 9 -0.65 19.97 -12.80
C LYS C 9 -0.23 21.27 -13.44
N LEU C 10 -1.05 21.75 -14.35
CA LEU C 10 -0.70 22.88 -15.18
C LEU C 10 -0.43 24.11 -14.37
N ASN C 11 -1.24 24.36 -13.36
CA ASN C 11 -1.14 25.58 -12.59
C ASN C 11 -0.46 25.34 -11.26
N LEU C 12 0.26 24.24 -11.16
CA LEU C 12 0.97 23.95 -9.94
C LEU C 12 1.97 25.05 -9.69
N ASP C 13 2.14 25.43 -8.43
CA ASP C 13 3.09 26.49 -8.06
C ASP C 13 2.60 27.88 -8.39
N GLU C 14 1.29 28.02 -8.55
CA GLU C 14 0.72 29.30 -8.88
C GLU C 14 -0.53 29.49 -8.05
N ARG C 15 -1.01 30.72 -7.98
CA ARG C 15 -2.22 31.02 -7.21
C ARG C 15 -3.42 30.28 -7.78
N VAL C 16 -4.17 29.62 -6.91
CA VAL C 16 -5.32 28.85 -7.33
C VAL C 16 -6.42 29.21 -6.38
N TYR C 17 -7.66 29.01 -6.78
CA TYR C 17 -8.76 29.35 -5.91
C TYR C 17 -9.54 28.09 -5.59
N ILE C 18 -9.79 27.88 -4.30
CA ILE C 18 -10.44 26.67 -3.85
C ILE C 18 -11.72 27.01 -3.14
N LYS C 19 -12.80 26.32 -3.50
CA LYS C 19 -14.05 26.53 -2.84
C LYS C 19 -14.41 25.29 -2.05
N LEU C 20 -14.60 25.45 -0.75
CA LEU C 20 -14.71 24.32 0.16
C LEU C 20 -16.08 24.12 0.74
N ARG C 21 -16.37 22.88 1.14
CA ARG C 21 -17.61 22.58 1.84
C ARG C 21 -17.46 22.93 3.31
N GLY C 22 -18.11 24.00 3.74
CA GLY C 22 -17.96 24.52 5.08
C GLY C 22 -18.12 26.02 5.12
N ALA C 23 -18.73 26.57 4.07
CA ALA C 23 -18.95 28.02 3.95
C ALA C 23 -17.64 28.76 3.82
N ARG C 24 -16.61 28.06 3.34
CA ARG C 24 -15.28 28.63 3.31
C ARG C 24 -14.74 28.70 1.90
N THR C 25 -13.72 29.53 1.72
CA THR C 25 -13.12 29.69 0.43
C THR C 25 -11.70 30.11 0.70
N LEU C 26 -10.76 29.66 -0.13
CA LEU C 26 -9.32 29.80 0.11
C LEU C 26 -8.51 30.31 -1.07
N VAL C 27 -7.39 30.97 -0.82
CA VAL C 27 -6.45 31.30 -1.87
C VAL C 27 -5.07 31.02 -1.36
N GLY C 28 -4.25 30.36 -2.18
CA GLY C 28 -2.86 30.14 -1.88
C GLY C 28 -2.10 29.65 -3.09
N THR C 29 -0.78 29.72 -3.07
CA THR C 29 0.04 29.07 -4.08
C THR C 29 -0.16 27.60 -3.89
N LEU C 30 -0.18 26.83 -4.97
CA LEU C 30 -0.44 25.41 -4.84
C LEU C 30 0.82 24.58 -4.87
N GLN C 31 1.11 23.90 -3.78
CA GLN C 31 2.33 23.12 -3.69
C GLN C 31 2.20 21.66 -4.04
N ALA C 32 1.08 21.04 -3.68
CA ALA C 32 0.89 19.64 -3.99
C ALA C 32 -0.55 19.34 -4.07
N PHE C 33 -0.89 18.29 -4.81
CA PHE C 33 -2.26 17.81 -4.85
C PHE C 33 -2.34 16.30 -5.06
N ASP C 34 -3.50 15.75 -4.77
CA ASP C 34 -3.72 14.34 -4.58
C ASP C 34 -4.92 13.88 -5.41
N SER C 35 -4.98 12.60 -5.76
CA SER C 35 -6.06 12.11 -6.61
C SER C 35 -7.36 12.35 -5.89
N HIS C 36 -7.29 12.40 -4.58
CA HIS C 36 -8.42 12.71 -3.75
C HIS C 36 -8.59 14.19 -3.53
N SER C 37 -7.70 15.00 -4.07
CA SER C 37 -7.84 16.43 -3.90
C SER C 37 -7.34 16.93 -2.57
N ASN C 38 -6.58 16.15 -1.83
CA ASN C 38 -5.92 16.67 -0.65
C ASN C 38 -4.94 17.63 -1.20
N ILE C 39 -4.85 18.81 -0.61
CA ILE C 39 -4.05 19.87 -1.21
C ILE C 39 -3.20 20.65 -0.21
N VAL C 40 -2.03 21.05 -0.66
CA VAL C 40 -1.12 21.87 0.13
C VAL C 40 -0.98 23.24 -0.52
N LEU C 41 -0.99 24.28 0.30
CA LEU C 41 -0.96 25.65 -0.19
C LEU C 41 0.05 26.42 0.61
N SER C 42 1.10 26.89 -0.08
CA SER C 42 2.07 27.80 0.53
C SER C 42 1.62 29.25 0.30
N ASP C 43 1.64 30.04 1.37
CA ASP C 43 1.19 31.42 1.33
C ASP C 43 -0.27 31.47 0.94
N ALA C 44 -1.17 31.15 1.87
CA ALA C 44 -2.57 31.10 1.54
C ALA C 44 -3.35 32.02 2.45
N VAL C 45 -4.53 32.39 1.97
CA VAL C 45 -5.44 33.22 2.73
C VAL C 45 -6.85 32.70 2.46
N GLU C 46 -7.70 32.72 3.49
CA GLU C 46 -9.03 32.12 3.38
C GLU C 46 -10.17 33.05 3.75
N THR C 47 -11.35 32.74 3.24
CA THR C 47 -12.48 33.61 3.43
C THR C 47 -13.70 32.86 3.91
N ILE C 48 -13.91 32.91 5.22
CA ILE C 48 -15.09 32.32 5.83
C ILE C 48 -16.26 33.28 5.76
N TYR C 49 -17.42 32.78 5.38
CA TYR C 49 -18.62 33.60 5.36
C TYR C 49 -19.46 33.39 6.61
N GLN C 50 -20.25 34.38 6.97
CA GLN C 50 -21.03 34.27 8.19
C GLN C 50 -22.19 35.24 8.20
N SER C 57 -19.83 39.50 7.55
CA SER C 57 -20.29 38.44 6.67
C SER C 57 -19.14 37.89 5.87
N GLU C 58 -17.99 38.57 5.92
CA GLU C 58 -16.78 38.04 5.35
C GLU C 58 -15.66 38.17 6.37
N SER C 59 -14.89 37.10 6.58
CA SER C 59 -13.76 37.12 7.50
C SER C 59 -12.57 36.44 6.87
N GLU C 60 -11.38 36.72 7.36
CA GLU C 60 -10.18 36.17 6.75
C GLU C 60 -9.12 35.73 7.75
N ARG C 61 -8.42 34.65 7.43
CA ARG C 61 -7.28 34.19 8.22
C ARG C 61 -6.23 33.58 7.29
N ARG C 62 -4.95 33.85 7.54
CA ARG C 62 -3.91 33.35 6.64
C ARG C 62 -2.84 32.57 7.37
N SER C 63 -2.28 31.56 6.73
CA SER C 63 -1.17 30.83 7.34
C SER C 63 -0.16 30.46 6.28
N GLU C 64 1.12 30.37 6.66
CA GLU C 64 2.15 30.26 5.66
C GLU C 64 1.96 29.01 4.85
N VAL C 66 -0.73 25.33 4.62
CA VAL C 66 -1.77 24.51 5.16
C VAL C 66 -2.02 23.29 4.31
N PHE C 67 -2.27 22.17 4.96
CA PHE C 67 -2.81 20.99 4.30
C PHE C 67 -4.32 21.05 4.26
N ILE C 68 -4.90 20.79 3.10
CA ILE C 68 -6.34 20.82 2.98
C ILE C 68 -6.83 19.42 2.72
N ARG C 69 -7.82 18.99 3.46
CA ARG C 69 -8.36 17.66 3.28
C ARG C 69 -9.29 17.54 2.10
N GLY C 70 -8.88 16.81 1.10
CA GLY C 70 -9.70 16.56 -0.06
C GLY C 70 -11.19 16.48 0.19
N ASP C 71 -11.58 15.83 1.29
CA ASP C 71 -12.98 15.61 1.61
C ASP C 71 -13.80 16.89 1.50
N THR C 72 -13.19 18.01 1.88
CA THR C 72 -13.89 19.29 1.85
C THR C 72 -13.96 19.99 0.49
N VAL C 73 -12.96 19.77 -0.36
CA VAL C 73 -12.80 20.53 -1.58
C VAL C 73 -13.90 20.32 -2.59
N THR C 74 -14.47 21.43 -3.05
CA THR C 74 -15.53 21.46 -4.03
C THR C 74 -15.03 21.71 -5.43
N LEU C 75 -14.30 22.80 -5.62
CA LEU C 75 -13.75 23.09 -6.91
C LEU C 75 -12.49 23.88 -6.81
N ILE C 76 -11.67 23.78 -7.83
CA ILE C 76 -10.40 24.46 -7.90
C ILE C 76 -10.34 25.22 -9.22
N SER C 77 -9.68 26.37 -9.20
CA SER C 77 -9.63 27.24 -10.35
C SER C 77 -8.49 28.20 -10.17
N THR C 78 -8.53 29.29 -10.90
CA THR C 78 -7.55 30.34 -10.75
C THR C 78 -8.28 31.56 -10.25
N PRO C 79 -7.65 32.31 -9.35
CA PRO C 79 -8.28 33.52 -8.79
C PRO C 79 -8.50 34.59 -9.86
N GLU D 14 -18.92 5.69 -25.16
CA GLU D 14 -18.89 6.46 -23.93
C GLU D 14 -19.52 7.81 -24.15
N PHE D 15 -20.38 8.18 -23.23
CA PHE D 15 -21.03 9.46 -23.26
C PHE D 15 -19.93 10.47 -23.17
N LEU D 16 -18.93 10.16 -22.37
CA LEU D 16 -17.87 11.09 -22.07
C LEU D 16 -17.06 11.50 -23.30
N SER D 17 -16.76 10.54 -24.17
CA SER D 17 -16.10 10.87 -25.40
C SER D 17 -16.96 11.73 -26.30
N ASP D 18 -18.20 11.33 -26.48
CA ASP D 18 -19.11 12.07 -27.32
C ASP D 18 -19.27 13.42 -26.69
N ILE D 19 -19.37 13.37 -25.37
CA ILE D 19 -19.59 14.53 -24.53
C ILE D 19 -18.46 15.55 -24.53
N ILE D 20 -17.22 15.05 -24.57
CA ILE D 20 -16.04 15.89 -24.49
C ILE D 20 -16.07 17.03 -25.50
N GLY D 21 -15.79 18.24 -25.02
CA GLY D 21 -15.73 19.40 -25.89
C GLY D 21 -16.99 20.23 -25.98
N LYS D 22 -18.10 19.69 -25.50
CA LYS D 22 -19.38 20.38 -25.51
C LYS D 22 -19.65 21.33 -24.35
N THR D 23 -20.67 22.17 -24.47
CA THR D 23 -21.18 22.92 -23.34
C THR D 23 -22.12 22.03 -22.53
N VAL D 24 -21.68 21.75 -21.32
CA VAL D 24 -22.35 20.82 -20.42
C VAL D 24 -22.78 21.52 -19.14
N ASN D 25 -23.77 20.93 -18.49
CA ASN D 25 -24.06 21.28 -17.11
C ASN D 25 -23.58 20.21 -16.13
N VAL D 26 -22.91 20.66 -15.07
CA VAL D 26 -22.44 19.81 -13.98
C VAL D 26 -23.08 20.28 -12.69
N LYS D 27 -24.02 19.52 -12.16
CA LYS D 27 -24.64 19.85 -10.88
C LYS D 27 -23.90 19.19 -9.72
N LEU D 28 -23.73 19.91 -8.62
CA LEU D 28 -23.02 19.38 -7.48
C LEU D 28 -23.98 19.02 -6.37
N ALA D 29 -23.48 18.34 -5.35
CA ALA D 29 -24.37 17.83 -4.30
C ALA D 29 -25.13 18.98 -3.63
N SER D 30 -24.42 20.07 -3.35
CA SER D 30 -25.02 21.26 -2.79
C SER D 30 -26.02 21.95 -3.72
N GLY D 31 -26.21 21.39 -4.91
CA GLY D 31 -27.17 21.90 -5.87
C GLY D 31 -26.67 23.14 -6.62
N LEU D 32 -25.41 23.50 -6.42
CA LEU D 32 -24.82 24.63 -7.15
C LEU D 32 -24.53 24.24 -8.60
N LEU D 33 -25.25 24.86 -9.52
CA LEU D 33 -25.08 24.56 -10.94
C LEU D 33 -23.89 25.32 -11.52
N TYR D 34 -23.13 24.64 -12.37
CA TYR D 34 -21.96 25.19 -12.99
C TYR D 34 -22.02 24.89 -14.45
N SER D 35 -22.13 25.92 -15.29
CA SER D 35 -22.21 25.68 -16.73
C SER D 35 -20.93 26.03 -17.48
N GLY D 36 -20.44 25.14 -18.34
CA GLY D 36 -19.17 25.35 -19.00
C GLY D 36 -18.91 24.54 -20.26
N ARG D 37 -17.77 24.76 -20.89
CA ARG D 37 -17.34 23.98 -22.06
C ARG D 37 -16.45 22.91 -21.54
N LEU D 38 -16.71 21.65 -21.90
CA LEU D 38 -16.09 20.54 -21.20
C LEU D 38 -14.74 20.10 -21.71
N GLU D 39 -13.67 20.67 -21.18
CA GLU D 39 -12.34 20.26 -21.61
C GLU D 39 -11.96 18.82 -21.30
N SER D 40 -12.22 18.34 -20.09
CA SER D 40 -11.83 16.97 -19.75
C SER D 40 -12.60 16.30 -18.61
N ILE D 41 -12.56 14.98 -18.56
CA ILE D 41 -13.16 14.21 -17.48
C ILE D 41 -12.59 12.81 -17.37
N ASP D 42 -12.93 12.11 -16.30
CA ASP D 42 -12.27 10.87 -16.00
C ASP D 42 -13.15 9.85 -15.32
N GLY D 43 -12.51 8.81 -14.79
CA GLY D 43 -13.20 7.68 -14.21
C GLY D 43 -13.81 7.96 -12.87
N PHE D 44 -13.10 8.71 -12.04
CA PHE D 44 -13.67 9.10 -10.76
C PHE D 44 -14.68 10.19 -11.02
N ASN D 46 -14.21 13.20 -12.46
CA ASN D 46 -13.77 14.55 -12.23
C ASN D 46 -14.02 15.31 -13.48
N VAL D 47 -14.24 16.62 -13.37
CA VAL D 47 -14.69 17.37 -14.53
C VAL D 47 -13.92 18.66 -14.76
N ALA D 48 -13.26 18.76 -15.89
CA ALA D 48 -12.66 20.06 -16.27
C ALA D 48 -13.57 20.88 -17.17
N LEU D 49 -13.66 22.17 -16.87
CA LEU D 49 -14.47 23.08 -17.66
C LEU D 49 -13.67 24.28 -18.17
N SER D 50 -14.29 25.13 -18.99
CA SER D 50 -13.66 26.34 -19.45
C SER D 50 -14.70 27.46 -19.39
N SER D 51 -14.41 28.52 -18.66
CA SER D 51 -15.38 29.60 -18.60
C SER D 51 -16.63 29.13 -17.93
N ALA D 52 -16.50 28.59 -16.72
CA ALA D 52 -17.66 28.06 -16.01
C ALA D 52 -18.31 29.18 -15.22
N THR D 53 -19.65 29.24 -15.26
CA THR D 53 -20.38 30.23 -14.50
C THR D 53 -21.22 29.41 -13.55
N GLU D 54 -21.53 29.95 -12.38
CA GLU D 54 -22.28 29.20 -11.38
C GLU D 54 -23.63 29.81 -11.00
N HIS D 55 -24.65 28.97 -10.96
CA HIS D 55 -25.99 29.39 -10.51
C HIS D 55 -26.46 28.39 -9.47
N TYR D 56 -27.36 28.80 -8.57
CA TYR D 56 -27.77 27.91 -7.51
C TYR D 56 -28.57 26.69 -7.95
N GLU D 57 -29.58 26.85 -8.78
CA GLU D 57 -30.27 25.67 -9.29
C GLU D 57 -30.46 25.61 -10.79
N SER D 58 -30.51 26.79 -11.39
CA SER D 58 -30.71 26.97 -12.81
C SER D 58 -30.10 28.31 -13.11
N ASN D 59 -29.70 28.50 -14.37
CA ASN D 59 -29.03 29.72 -14.79
C ASN D 59 -29.95 30.91 -14.63
N ASN D 60 -31.21 30.72 -14.97
CA ASN D 60 -32.14 31.81 -14.95
C ASN D 60 -32.17 32.34 -13.55
N ASN D 61 -31.93 31.47 -12.59
CA ASN D 61 -32.12 31.83 -11.22
C ASN D 61 -31.23 33.00 -10.89
N LYS D 62 -30.01 32.98 -11.37
CA LYS D 62 -29.11 34.09 -11.15
C LYS D 62 -27.72 33.75 -11.59
N LEU D 63 -26.81 34.66 -11.32
CA LEU D 63 -25.40 34.39 -11.48
C LEU D 63 -24.80 34.74 -10.17
N LEU D 64 -24.01 33.85 -9.59
CA LEU D 64 -23.29 34.21 -8.38
C LEU D 64 -21.82 34.38 -8.66
N ASN D 65 -21.34 33.67 -9.67
CA ASN D 65 -19.95 33.78 -10.06
C ASN D 65 -19.70 33.36 -11.47
N LYS D 66 -18.62 33.86 -12.04
CA LYS D 66 -18.17 33.41 -13.34
C LYS D 66 -16.70 33.24 -13.26
N PHE D 67 -16.19 32.22 -13.92
CA PHE D 67 -14.76 32.04 -14.03
C PHE D 67 -14.30 32.20 -15.49
N ASN D 68 -13.39 33.15 -15.72
CA ASN D 68 -12.87 33.40 -17.05
C ASN D 68 -11.80 32.39 -17.42
N SER D 69 -11.49 31.53 -16.45
CA SER D 69 -10.42 30.54 -16.53
C SER D 69 -10.97 29.16 -16.20
N ASP D 70 -10.14 28.15 -16.43
CA ASP D 70 -10.56 26.75 -16.30
C ASP D 70 -10.91 26.39 -14.87
N VAL D 71 -11.81 25.44 -14.74
CA VAL D 71 -12.38 25.05 -13.46
C VAL D 71 -12.21 23.56 -13.28
N PHE D 72 -11.99 23.13 -12.05
CA PHE D 72 -11.92 21.71 -11.75
C PHE D 72 -12.99 21.36 -10.76
N LEU D 73 -13.78 20.35 -11.05
CA LEU D 73 -14.85 19.95 -10.17
C LEU D 73 -14.62 18.54 -9.68
N ARG D 74 -14.89 18.30 -8.41
CA ARG D 74 -14.48 17.07 -7.77
C ARG D 74 -15.53 16.02 -7.91
N GLY D 75 -15.18 14.98 -8.62
CA GLY D 75 -16.12 13.92 -8.95
C GLY D 75 -17.10 13.47 -7.89
N THR D 76 -16.71 13.55 -6.63
CA THR D 76 -17.57 13.03 -5.60
C THR D 76 -18.78 13.92 -5.43
N GLN D 77 -18.70 15.13 -5.93
CA GLN D 77 -19.70 16.13 -5.69
C GLN D 77 -20.76 16.25 -6.77
N VAL D 78 -20.47 15.80 -7.98
CA VAL D 78 -21.39 15.94 -9.09
C VAL D 78 -22.47 14.90 -9.04
N TYR D 80 -24.87 15.10 -11.72
CA TYR D 80 -24.95 14.84 -13.15
C TYR D 80 -24.07 15.71 -14.07
N ILE D 81 -23.81 15.19 -15.27
CA ILE D 81 -23.24 15.96 -16.38
C ILE D 81 -24.23 15.92 -17.55
N SER D 82 -24.60 17.10 -18.05
CA SER D 82 -25.71 17.20 -18.98
C SER D 82 -25.43 18.29 -19.96
N GLU D 83 -25.68 18.03 -21.23
CA GLU D 83 -25.24 18.91 -22.29
C GLU D 83 -26.19 20.07 -22.57
N GLN D 84 -25.67 21.27 -22.61
CA GLN D 84 -26.56 22.37 -22.83
C GLN D 84 -26.93 22.41 -24.29
N LYS D 85 -28.22 22.59 -24.54
CA LYS D 85 -28.72 22.69 -25.90
C LYS D 85 -29.72 23.83 -26.01
N ILE E 6 -37.95 -12.70 -12.39
CA ILE E 6 -37.73 -11.28 -12.67
C ILE E 6 -36.46 -10.76 -12.04
N LEU E 7 -35.61 -10.13 -12.84
CA LEU E 7 -34.35 -9.61 -12.37
C LEU E 7 -34.28 -8.11 -12.53
N PRO E 8 -33.81 -7.45 -11.47
CA PRO E 8 -33.79 -5.99 -11.41
C PRO E 8 -33.14 -5.33 -12.62
N LEU E 9 -31.92 -5.74 -12.94
CA LEU E 9 -31.19 -5.11 -14.03
C LEU E 9 -31.92 -5.41 -15.31
N GLU E 10 -32.41 -6.63 -15.42
CA GLU E 10 -33.14 -7.04 -16.59
C GLU E 10 -34.34 -6.13 -16.68
N VAL E 11 -34.93 -5.80 -15.54
CA VAL E 11 -36.04 -4.88 -15.54
C VAL E 11 -35.58 -3.54 -16.10
N ILE E 12 -34.35 -3.16 -15.79
CA ILE E 12 -33.83 -1.90 -16.30
C ILE E 12 -33.38 -2.03 -17.76
N ASP E 13 -32.90 -3.22 -18.09
CA ASP E 13 -32.59 -3.53 -19.48
C ASP E 13 -33.87 -3.43 -20.27
N LYS E 14 -34.95 -3.93 -19.69
CA LYS E 14 -36.27 -3.90 -20.29
C LYS E 14 -36.75 -2.48 -20.51
N THR E 15 -36.42 -1.62 -19.56
CA THR E 15 -36.82 -0.23 -19.55
C THR E 15 -36.20 0.65 -20.62
N ILE E 16 -35.08 0.24 -21.17
CA ILE E 16 -34.32 1.14 -22.03
C ILE E 16 -35.17 1.58 -23.19
N ASN E 17 -35.03 2.85 -23.53
CA ASN E 17 -35.81 3.47 -24.58
C ASN E 17 -37.19 3.82 -24.06
N GLN E 18 -37.35 3.71 -22.75
CA GLN E 18 -38.64 3.98 -22.12
C GLN E 18 -38.59 5.05 -21.03
N LYS E 19 -39.56 5.93 -21.03
CA LYS E 19 -39.67 7.01 -20.08
C LYS E 19 -39.45 6.45 -18.67
N VAL E 20 -38.49 7.01 -17.96
CA VAL E 20 -38.14 6.51 -16.64
C VAL E 20 -38.06 7.59 -15.59
N LEU E 21 -38.47 7.26 -14.38
CA LEU E 21 -38.29 8.19 -13.29
C LEU E 21 -37.16 7.69 -12.44
N ILE E 22 -36.36 8.62 -11.94
CA ILE E 22 -35.21 8.28 -11.12
C ILE E 22 -35.24 9.06 -9.82
N VAL E 23 -35.58 8.38 -8.73
CA VAL E 23 -35.69 9.04 -7.45
C VAL E 23 -34.46 8.85 -6.58
N LEU E 24 -34.01 9.95 -6.00
CA LEU E 24 -32.74 10.05 -5.34
C LEU E 24 -32.92 10.17 -3.85
N GLN E 25 -31.94 9.66 -3.10
CA GLN E 25 -32.00 9.71 -1.65
C GLN E 25 -32.69 10.99 -1.16
N SER E 26 -32.16 12.13 -1.58
CA SER E 26 -32.72 13.42 -1.19
C SER E 26 -34.03 13.70 -1.91
N ASN E 27 -34.68 14.81 -1.55
CA ASN E 27 -35.94 15.18 -2.17
C ASN E 27 -35.76 15.74 -3.57
N ARG E 28 -35.41 14.87 -4.51
CA ARG E 28 -35.19 15.27 -5.91
C ARG E 28 -35.37 14.14 -6.91
N GLU E 29 -36.35 14.32 -7.79
CA GLU E 29 -36.67 13.34 -8.82
C GLU E 29 -36.26 13.84 -10.20
N PHE E 30 -35.82 12.91 -11.03
CA PHE E 30 -35.39 13.17 -12.38
C PHE E 30 -36.17 12.28 -13.29
N GLU E 31 -36.82 12.83 -14.29
CA GLU E 31 -37.52 11.98 -15.24
C GLU E 31 -37.17 12.26 -16.69
N GLY E 32 -37.08 11.21 -17.47
CA GLY E 32 -36.76 11.29 -18.87
C GLY E 32 -36.60 9.90 -19.46
N THR E 33 -35.96 9.81 -20.62
CA THR E 33 -35.87 8.53 -21.29
C THR E 33 -34.56 7.84 -20.99
N LEU E 34 -34.65 6.62 -20.50
CA LEU E 34 -33.44 5.91 -20.14
C LEU E 34 -32.67 5.49 -21.36
N VAL E 35 -31.60 6.21 -21.64
CA VAL E 35 -30.70 5.88 -22.75
C VAL E 35 -29.88 4.61 -22.47
N GLY E 36 -29.58 4.35 -21.19
CA GLY E 36 -28.82 3.17 -20.82
C GLY E 36 -28.18 3.32 -19.44
N PHE E 37 -27.62 2.24 -18.92
CA PHE E 37 -27.01 2.28 -17.61
C PHE E 37 -25.92 1.24 -17.49
N ASP E 38 -24.84 1.58 -16.79
CA ASP E 38 -23.74 0.66 -16.53
C ASP E 38 -23.88 -0.12 -15.24
N ASP E 39 -22.82 -0.84 -14.89
CA ASP E 39 -22.80 -1.78 -13.79
C ASP E 39 -23.07 -1.10 -12.47
N PHE E 40 -22.49 0.09 -12.30
CA PHE E 40 -22.74 0.88 -11.11
C PHE E 40 -24.13 1.49 -11.18
N VAL E 41 -24.88 1.10 -12.20
CA VAL E 41 -26.23 1.59 -12.41
C VAL E 41 -26.26 3.07 -12.74
N ASN E 42 -25.09 3.67 -12.91
CA ASN E 42 -25.02 5.06 -13.37
C ASN E 42 -25.90 5.20 -14.59
N VAL E 43 -26.78 6.20 -14.61
CA VAL E 43 -27.83 6.25 -15.62
C VAL E 43 -27.66 7.38 -16.64
N ILE E 44 -27.94 7.06 -17.91
CA ILE E 44 -27.96 8.05 -18.97
C ILE E 44 -29.39 8.30 -19.38
N LEU E 45 -29.74 9.57 -19.46
CA LEU E 45 -31.13 10.01 -19.60
C LEU E 45 -31.33 11.03 -20.70
N GLU E 46 -32.41 10.89 -21.45
CA GLU E 46 -32.73 11.81 -22.51
C GLU E 46 -33.82 12.79 -22.14
N ASP E 47 -33.62 14.05 -22.48
CA ASP E 47 -34.62 15.09 -22.26
C ASP E 47 -35.20 15.05 -20.87
N ALA E 48 -34.30 15.09 -19.88
CA ALA E 48 -34.64 14.91 -18.47
C ALA E 48 -35.29 16.12 -17.80
N VAL E 49 -36.42 15.90 -17.13
CA VAL E 49 -37.01 16.94 -16.29
C VAL E 49 -36.44 16.84 -14.88
N GLU E 50 -36.05 17.98 -14.31
CA GLU E 50 -35.50 18.00 -12.97
C GLU E 50 -36.51 18.53 -11.95
N TRP E 51 -36.68 17.73 -10.90
CA TRP E 51 -37.67 17.98 -9.88
C TRP E 51 -37.09 17.94 -8.48
N LEU E 52 -37.48 18.91 -7.67
CA LEU E 52 -37.30 18.85 -6.24
C LEU E 52 -38.69 18.86 -5.64
N ILE E 53 -39.04 17.82 -4.88
CA ILE E 53 -40.38 17.72 -4.31
C ILE E 53 -40.48 17.96 -2.80
N ASP E 54 -41.72 18.00 -2.33
CA ASP E 54 -42.10 18.20 -0.93
C ASP E 54 -42.52 19.64 -0.63
N SER E 59 -47.92 17.03 -2.49
CA SER E 59 -47.94 18.46 -2.22
C SER E 59 -47.42 19.25 -3.42
N ARG E 60 -47.11 20.52 -3.20
CA ARG E 60 -46.60 21.39 -4.25
C ARG E 60 -45.24 20.91 -4.74
N ASN E 61 -45.11 20.74 -6.04
CA ASN E 61 -43.86 20.30 -6.64
C ASN E 61 -43.16 21.41 -7.42
N GLU E 62 -41.84 21.47 -7.31
CA GLU E 62 -41.07 22.49 -8.01
C GLU E 62 -40.21 21.88 -9.12
N LYS E 63 -40.49 22.28 -10.35
CA LYS E 63 -39.75 21.81 -11.51
C LYS E 63 -38.57 22.75 -11.71
N VAL E 64 -37.40 22.17 -11.93
CA VAL E 64 -36.18 22.97 -11.99
C VAL E 64 -35.60 23.18 -13.35
N GLN E 66 -35.78 21.60 -17.76
CA GLN E 66 -36.11 20.66 -18.82
C GLN E 66 -34.86 20.41 -19.64
N HIS E 67 -34.05 19.46 -19.16
CA HIS E 67 -32.75 19.17 -19.75
C HIS E 67 -32.94 18.70 -21.18
N HIS E 68 -32.39 19.46 -22.12
CA HIS E 68 -32.55 19.13 -23.51
C HIS E 68 -31.27 18.49 -23.99
N GLY E 69 -31.31 17.20 -24.23
CA GLY E 69 -30.14 16.51 -24.71
C GLY E 69 -29.83 15.43 -23.73
N ARG E 70 -28.56 15.06 -23.61
CA ARG E 70 -28.24 13.98 -22.71
C ARG E 70 -27.63 14.38 -21.39
N LEU E 72 -25.65 12.46 -17.91
CA LEU E 72 -25.04 11.38 -17.17
C LEU E 72 -25.40 11.62 -15.71
N LEU E 73 -26.26 10.75 -15.20
CA LEU E 73 -26.73 10.85 -13.83
C LEU E 73 -25.99 9.83 -12.99
N SER E 74 -25.19 10.27 -12.02
CA SER E 74 -24.38 9.34 -11.23
C SER E 74 -25.21 8.51 -10.25
N GLY E 75 -24.93 7.23 -10.27
CA GLY E 75 -25.70 6.21 -9.61
C GLY E 75 -25.65 6.16 -8.11
N ASN E 76 -24.66 6.82 -7.52
CA ASN E 76 -24.50 6.84 -6.08
C ASN E 76 -25.83 7.14 -5.49
N ASN E 77 -26.37 8.26 -5.91
CA ASN E 77 -27.56 8.83 -5.30
C ASN E 77 -28.86 8.14 -5.70
N ILE E 78 -28.86 7.42 -6.81
CA ILE E 78 -30.08 6.75 -7.27
C ILE E 78 -30.59 5.78 -6.21
N ALA E 79 -31.85 5.93 -5.81
CA ALA E 79 -32.41 5.04 -4.81
C ALA E 79 -33.43 4.10 -5.38
N ILE E 80 -34.44 4.65 -6.04
CA ILE E 80 -35.45 3.84 -6.67
C ILE E 80 -35.57 4.20 -8.13
N LEU E 81 -35.65 3.18 -8.97
CA LEU E 81 -35.92 3.37 -10.40
C LEU E 81 -37.38 3.05 -10.69
N VAL E 82 -38.05 3.95 -11.41
CA VAL E 82 -39.48 3.78 -11.68
C VAL E 82 -39.78 3.83 -13.17
N PRO E 83 -40.19 2.69 -13.72
CA PRO E 83 -40.56 2.60 -15.13
C PRO E 83 -41.70 3.57 -15.42
N GLY E 84 -41.61 4.30 -16.53
CA GLY E 84 -42.58 5.33 -16.80
C GLY E 84 -42.26 6.61 -16.05
N ARG F 16 -17.07 -24.94 23.98
CA ARG F 16 -18.18 -24.35 23.25
C ARG F 16 -17.73 -23.70 21.95
N LYS F 17 -18.25 -24.17 20.82
CA LYS F 17 -17.77 -23.77 19.50
C LYS F 17 -17.82 -22.28 19.23
N LYS F 18 -16.66 -21.71 18.93
CA LYS F 18 -16.54 -20.32 18.55
C LYS F 18 -16.93 -20.14 17.09
N PHE F 19 -18.09 -19.56 16.86
CA PHE F 19 -18.58 -19.36 15.50
C PHE F 19 -17.77 -18.30 14.76
N GLU F 20 -17.94 -18.27 13.44
CA GLU F 20 -17.22 -17.36 12.57
C GLU F 20 -18.27 -16.66 11.72
N GLY F 21 -17.89 -15.64 10.97
CA GLY F 21 -18.89 -14.89 10.23
C GLY F 21 -19.59 -15.84 9.28
N PRO F 22 -20.92 -15.82 9.26
CA PRO F 22 -21.66 -16.57 8.25
C PRO F 22 -21.38 -15.91 6.90
N ARG F 24 -24.90 -16.34 2.88
CA ARG F 24 -25.90 -15.30 2.74
C ARG F 24 -26.86 -15.27 3.92
N GLU F 25 -26.63 -14.37 4.86
CA GLU F 25 -27.44 -14.30 6.05
C GLU F 25 -28.89 -14.04 5.70
N ALA F 26 -29.14 -13.16 4.74
CA ALA F 26 -30.51 -12.98 4.26
C ALA F 26 -30.68 -13.40 2.80
N ILE F 27 -29.56 -13.65 2.12
CA ILE F 27 -29.63 -13.85 0.69
C ILE F 27 -30.48 -15.07 0.37
N LEU F 28 -30.29 -16.13 1.15
CA LEU F 28 -31.20 -17.25 1.12
C LEU F 28 -32.53 -16.70 1.61
N ASP F 29 -32.46 -15.83 2.61
CA ASP F 29 -33.66 -15.25 3.18
C ASP F 29 -34.36 -14.44 2.11
N LEU F 30 -33.62 -13.70 1.29
CA LEU F 30 -34.34 -13.09 0.17
C LEU F 30 -35.28 -14.11 -0.46
N ALA F 31 -34.85 -15.34 -0.61
CA ALA F 31 -35.73 -16.27 -1.23
C ALA F 31 -36.98 -16.37 -0.40
N LYS F 32 -36.79 -16.47 0.91
CA LYS F 32 -37.87 -16.81 1.81
C LYS F 32 -39.03 -15.84 1.79
N TYR F 33 -38.75 -14.55 1.74
CA TYR F 33 -39.79 -13.57 1.99
C TYR F 33 -40.58 -13.18 0.76
N LYS F 34 -40.27 -13.78 -0.37
CA LYS F 34 -40.82 -13.29 -1.63
C LYS F 34 -42.32 -13.39 -1.73
N ASP F 35 -42.86 -12.57 -2.60
CA ASP F 35 -44.27 -12.62 -2.93
C ASP F 35 -45.09 -11.99 -1.84
N SER F 36 -44.42 -11.30 -0.94
CA SER F 36 -45.09 -10.67 0.17
C SER F 36 -44.66 -9.22 0.35
N LYS F 37 -45.51 -8.42 0.97
CA LYS F 37 -45.16 -7.05 1.26
C LYS F 37 -43.99 -7.04 2.22
N ILE F 38 -43.11 -6.07 2.07
CA ILE F 38 -41.96 -5.91 2.98
C ILE F 38 -41.68 -4.44 3.21
N ARG F 39 -40.96 -4.12 4.28
CA ARG F 39 -40.64 -2.74 4.62
C ARG F 39 -39.17 -2.44 4.40
N VAL F 40 -38.87 -1.46 3.57
CA VAL F 40 -37.49 -1.11 3.33
C VAL F 40 -37.21 0.34 3.64
N LYS F 41 -36.16 0.56 4.41
CA LYS F 41 -35.66 1.89 4.76
C LYS F 41 -34.37 2.16 4.01
N LEU F 42 -34.24 3.36 3.46
CA LEU F 42 -33.09 3.69 2.63
C LEU F 42 -32.31 4.89 3.13
N GLY F 44 -30.78 8.39 3.32
CA GLY F 44 -31.43 9.65 2.96
C GLY F 44 -32.58 9.97 3.89
N GLY F 45 -33.16 8.94 4.50
CA GLY F 45 -34.28 9.13 5.41
C GLY F 45 -35.62 8.89 4.75
N LYS F 46 -35.69 7.85 3.92
CA LYS F 46 -36.92 7.52 3.21
C LYS F 46 -37.13 6.01 3.15
N LEU F 47 -38.31 5.57 3.60
CA LEU F 47 -38.64 4.16 3.59
C LEU F 47 -39.72 3.85 2.55
N VAL F 48 -39.97 2.56 2.32
CA VAL F 48 -40.97 2.15 1.35
C VAL F 48 -41.41 0.70 1.49
N ILE F 49 -42.71 0.49 1.42
CA ILE F 49 -43.33 -0.83 1.49
C ILE F 49 -43.75 -1.27 0.08
N GLY F 50 -44.09 -2.55 -0.09
CA GLY F 50 -44.56 -3.04 -1.37
C GLY F 50 -44.17 -4.48 -1.64
N VAL F 51 -45.10 -5.22 -2.23
CA VAL F 51 -44.90 -6.63 -2.54
C VAL F 51 -43.59 -6.83 -3.31
N LEU F 52 -42.74 -7.72 -2.78
CA LEU F 52 -41.47 -8.01 -3.41
C LEU F 52 -41.65 -9.04 -4.53
N LYS F 53 -41.20 -8.68 -5.73
CA LYS F 53 -41.31 -9.56 -6.89
C LYS F 53 -40.01 -10.29 -7.16
N GLY F 54 -38.94 -9.53 -7.34
CA GLY F 54 -37.64 -10.10 -7.63
C GLY F 54 -36.56 -9.59 -6.69
N TYR F 55 -35.36 -10.14 -6.81
CA TYR F 55 -34.24 -9.80 -5.94
C TYR F 55 -32.92 -10.33 -6.51
N ASP F 56 -31.80 -9.72 -6.14
CA ASP F 56 -30.50 -10.24 -6.55
C ASP F 56 -29.51 -10.33 -5.38
N GLN F 57 -28.29 -10.78 -5.65
CA GLN F 57 -27.27 -10.95 -4.62
C GLN F 57 -26.89 -9.63 -3.98
N LEU F 58 -26.79 -8.60 -4.81
CA LEU F 58 -26.33 -7.31 -4.32
C LEU F 58 -27.47 -6.59 -3.61
N ASN F 60 -30.17 -5.49 -4.59
CA ASN F 60 -31.06 -4.64 -5.37
C ASN F 60 -32.36 -5.41 -5.34
N LEU F 61 -33.51 -4.74 -5.41
CA LEU F 61 -34.76 -5.49 -5.40
C LEU F 61 -35.94 -4.83 -6.11
N VAL F 62 -36.90 -5.63 -6.55
CA VAL F 62 -38.07 -5.12 -7.24
C VAL F 62 -39.31 -5.13 -6.36
N LEU F 63 -40.00 -4.01 -6.23
CA LEU F 63 -41.19 -3.97 -5.38
C LEU F 63 -42.44 -3.41 -6.04
N ASP F 64 -43.50 -4.20 -6.04
CA ASP F 64 -44.76 -3.78 -6.62
C ASP F 64 -45.59 -2.87 -5.71
N ASP F 65 -46.34 -1.97 -6.31
CA ASP F 65 -47.22 -1.09 -5.56
C ASP F 65 -46.48 -0.42 -4.46
N THR F 66 -45.31 0.08 -4.80
CA THR F 66 -44.44 0.73 -3.87
C THR F 66 -45.07 1.97 -3.30
N VAL F 67 -44.92 2.18 -2.00
CA VAL F 67 -45.36 3.40 -1.37
C VAL F 67 -44.16 4.02 -0.71
N GLU F 68 -43.90 5.29 -0.99
CA GLU F 68 -42.71 5.95 -0.46
C GLU F 68 -43.02 7.01 0.60
N TYR F 69 -42.89 6.64 1.87
CA TYR F 69 -43.02 7.59 2.97
C TYR F 69 -41.80 8.50 2.94
N SER F 71 -39.59 12.10 4.36
CA SER F 71 -39.37 13.09 5.38
C SER F 71 -37.92 13.49 5.36
N ALA F 86 -47.28 10.16 1.68
CA ALA F 86 -46.92 9.03 0.86
C ALA F 86 -47.26 9.26 -0.61
N ARG F 87 -46.63 8.49 -1.49
CA ARG F 87 -47.02 8.45 -2.89
C ARG F 87 -46.98 7.04 -3.46
N LYS F 88 -47.99 6.69 -4.25
CA LYS F 88 -48.00 5.42 -4.96
C LYS F 88 -46.99 5.37 -6.12
N LEU F 89 -46.46 4.18 -6.40
CA LEU F 89 -45.57 3.99 -7.52
C LEU F 89 -45.62 2.54 -7.90
N GLY F 90 -45.50 2.26 -9.18
CA GLY F 90 -45.80 0.92 -9.67
C GLY F 90 -44.70 -0.07 -9.38
N LEU F 91 -44.32 -0.84 -10.40
CA LEU F 91 -43.10 -1.64 -10.32
C LEU F 91 -41.94 -0.68 -10.14
N THR F 92 -40.99 -1.08 -9.30
CA THR F 92 -39.82 -0.27 -9.05
C THR F 92 -38.61 -1.17 -8.82
N VAL F 93 -37.43 -0.60 -8.99
CA VAL F 93 -36.22 -1.27 -8.57
C VAL F 93 -35.62 -0.39 -7.49
N ILE F 94 -35.43 -0.95 -6.30
CA ILE F 94 -34.74 -0.23 -5.25
C ILE F 94 -33.31 -0.71 -5.33
N ARG F 95 -32.37 0.19 -5.12
CA ARG F 95 -30.97 -0.16 -5.21
C ARG F 95 -30.42 -0.69 -3.91
N GLY F 96 -29.86 -1.88 -3.95
CA GLY F 96 -29.45 -2.58 -2.77
C GLY F 96 -28.15 -2.03 -2.26
N THR F 97 -27.75 -0.89 -2.79
CA THR F 97 -26.52 -0.25 -2.36
C THR F 97 -26.87 0.98 -1.60
N ILE F 98 -28.14 1.12 -1.30
CA ILE F 98 -28.64 2.24 -0.55
C ILE F 98 -29.59 1.73 0.53
N LEU F 99 -29.89 0.43 0.48
CA LEU F 99 -30.83 -0.21 1.37
C LEU F 99 -30.23 -0.17 2.75
N VAL F 100 -31.07 -0.19 3.77
CA VAL F 100 -30.60 0.01 5.13
C VAL F 100 -31.14 -1.03 6.10
N SER F 101 -32.42 -1.36 5.98
CA SER F 101 -32.99 -2.38 6.80
C SER F 101 -34.20 -2.87 6.09
N LEU F 102 -34.42 -4.17 6.13
CA LEU F 102 -35.56 -4.75 5.47
C LEU F 102 -36.37 -5.57 6.45
N SER F 103 -37.65 -5.27 6.55
CA SER F 103 -38.56 -6.02 7.41
C SER F 103 -39.93 -6.17 6.77
N SER F 104 -40.64 -7.22 7.14
CA SER F 104 -41.99 -7.46 6.66
C SER F 104 -42.98 -6.48 7.25
N ALA F 105 -44.06 -6.24 6.54
CA ALA F 105 -45.12 -5.38 7.04
C ALA F 105 -46.39 -6.19 7.27
N ASN G 23 -7.97 -9.13 28.86
CA ASN G 23 -7.02 -9.99 28.17
C ASN G 23 -7.68 -10.72 27.00
N LEU G 24 -8.61 -10.04 26.36
CA LEU G 24 -9.30 -10.59 25.22
C LEU G 24 -8.56 -10.32 23.93
N TYR G 25 -7.54 -9.47 23.96
CA TYR G 25 -6.90 -9.10 22.73
C TYR G 25 -5.62 -9.85 22.48
N PHE G 26 -4.61 -9.55 23.28
CA PHE G 26 -3.34 -10.22 23.16
C PHE G 26 -3.51 -11.70 23.47
N GLN G 27 -4.34 -11.98 24.47
CA GLN G 27 -4.61 -13.36 24.89
C GLN G 27 -5.29 -14.22 23.82
N GLY G 28 -6.30 -13.68 23.18
CA GLY G 28 -7.03 -14.40 22.16
C GLY G 28 -6.99 -13.74 20.79
N SER G 29 -6.22 -12.66 20.68
CA SER G 29 -6.16 -11.92 19.43
C SER G 29 -7.56 -11.68 18.90
N LEU G 31 -11.24 -10.16 17.77
CA LEU G 31 -11.69 -9.10 16.89
C LEU G 31 -13.14 -8.73 17.16
N PRO G 32 -13.45 -7.45 17.06
CA PRO G 32 -14.82 -6.97 17.33
C PRO G 32 -15.85 -7.88 16.69
N LEU G 33 -15.61 -8.22 15.43
CA LEU G 33 -16.48 -9.13 14.69
C LEU G 33 -16.59 -10.49 15.37
N TYR G 34 -15.51 -10.98 15.95
CA TYR G 34 -15.51 -12.29 16.55
C TYR G 34 -16.36 -12.31 17.80
N LEU G 35 -16.66 -11.16 18.38
CA LEU G 35 -17.52 -11.12 19.54
C LEU G 35 -18.94 -11.09 19.09
N LEU G 36 -19.23 -10.25 18.11
CA LEU G 36 -20.58 -10.14 17.55
C LEU G 36 -20.98 -11.44 16.87
N THR G 37 -19.97 -12.23 16.48
CA THR G 37 -20.21 -13.51 15.83
C THR G 37 -20.58 -14.58 16.85
N ASN G 38 -20.00 -14.47 18.05
CA ASN G 38 -20.29 -15.41 19.10
C ASN G 38 -21.51 -15.06 19.92
N ALA G 39 -22.15 -13.95 19.61
CA ALA G 39 -23.23 -13.45 20.43
C ALA G 39 -24.60 -13.91 19.98
N LYS G 40 -24.63 -14.90 19.09
CA LYS G 40 -25.89 -15.36 18.57
C LYS G 40 -26.76 -15.81 19.72
N GLY G 41 -28.03 -15.48 19.64
CA GLY G 41 -28.99 -15.94 20.61
C GLY G 41 -28.93 -15.11 21.86
N GLN G 42 -28.04 -14.14 21.89
CA GLN G 42 -28.06 -13.16 22.96
C GLN G 42 -28.88 -11.97 22.51
N GLN G 43 -29.06 -11.00 23.40
CA GLN G 43 -29.85 -9.85 23.06
C GLN G 43 -28.95 -8.65 22.97
N GLN G 45 -28.79 -4.22 21.82
CA GLN G 45 -29.42 -2.98 21.41
C GLN G 45 -28.53 -2.28 20.38
N ILE G 46 -29.05 -2.13 19.17
CA ILE G 46 -28.28 -1.55 18.08
C ILE G 46 -28.69 -0.11 17.86
N GLU G 47 -27.76 0.83 17.77
CA GLU G 47 -28.15 2.18 17.34
C GLU G 47 -27.72 2.49 15.91
N LEU G 48 -28.64 2.97 15.10
CA LEU G 48 -28.38 3.20 13.69
C LEU G 48 -28.07 4.66 13.43
N LYS G 49 -27.32 4.93 12.39
CA LYS G 49 -26.94 6.31 12.13
C LYS G 49 -28.11 7.28 12.08
N ASN G 50 -29.33 6.78 12.12
CA ASN G 50 -30.51 7.61 12.01
C ASN G 50 -30.84 8.19 13.35
N GLY G 51 -30.49 7.41 14.34
CA GLY G 51 -30.86 7.55 15.73
C GLY G 51 -31.76 6.42 16.16
N GLU G 52 -32.33 5.70 15.22
CA GLU G 52 -33.21 4.59 15.52
C GLU G 52 -32.57 3.57 16.44
N ILE G 53 -33.22 3.22 17.54
CA ILE G 53 -32.70 2.14 18.39
C ILE G 53 -33.38 0.83 18.04
N ILE G 54 -32.60 -0.18 17.72
CA ILE G 54 -33.17 -1.48 17.40
C ILE G 54 -32.69 -2.55 18.38
N GLN G 55 -33.57 -3.08 19.20
CA GLN G 55 -33.20 -4.23 19.99
C GLN G 55 -33.97 -5.49 19.69
N GLY G 56 -33.26 -6.60 19.61
CA GLY G 56 -33.83 -7.89 19.29
C GLY G 56 -32.90 -9.03 19.67
N ILE G 57 -33.14 -10.21 19.11
CA ILE G 57 -32.20 -11.29 19.34
C ILE G 57 -31.40 -11.63 18.09
N LEU G 58 -30.10 -11.43 18.16
CA LEU G 58 -29.22 -11.68 17.04
C LEU G 58 -29.38 -13.08 16.55
N THR G 59 -29.83 -13.25 15.33
CA THR G 59 -29.92 -14.58 14.78
C THR G 59 -28.82 -14.89 13.77
N ASN G 60 -28.15 -13.87 13.25
CA ASN G 60 -27.04 -14.11 12.33
C ASN G 60 -26.31 -12.85 11.89
N VAL G 61 -25.03 -13.01 11.59
CA VAL G 61 -24.16 -11.90 11.27
C VAL G 61 -23.19 -12.28 10.17
N ASP G 62 -22.67 -11.29 9.46
CA ASP G 62 -21.76 -11.53 8.33
C ASP G 62 -20.50 -10.70 8.38
N ASN G 63 -19.52 -11.05 7.57
CA ASN G 63 -18.22 -10.43 7.65
C ASN G 63 -18.27 -8.94 7.43
N TRP G 64 -19.28 -8.48 6.71
CA TRP G 64 -19.46 -7.06 6.57
C TRP G 64 -20.27 -6.47 7.71
N ASN G 66 -23.37 -7.04 8.54
CA ASN G 66 -24.80 -7.00 8.40
C ASN G 66 -25.35 -8.09 9.27
N LEU G 67 -26.57 -7.93 9.79
CA LEU G 67 -27.08 -8.94 10.67
C LEU G 67 -28.57 -9.09 10.63
N THR G 68 -29.02 -10.29 10.92
CA THR G 68 -30.45 -10.56 11.16
C THR G 68 -30.75 -10.64 12.66
N LEU G 69 -31.93 -10.13 13.03
CA LEU G 69 -32.35 -10.13 14.43
C LEU G 69 -33.76 -10.69 14.56
N SER G 70 -34.03 -11.23 15.74
CA SER G 70 -35.32 -11.81 16.08
C SER G 70 -35.92 -11.09 17.28
N ASN G 71 -37.23 -11.20 17.41
CA ASN G 71 -37.91 -10.66 18.54
C ASN G 71 -37.51 -9.22 18.64
N VAL G 72 -37.43 -8.61 17.47
CA VAL G 72 -37.07 -7.22 17.33
C VAL G 72 -38.10 -6.28 17.87
N THR G 73 -37.63 -5.22 18.50
CA THR G 73 -38.48 -4.11 18.87
C THR G 73 -37.77 -2.86 18.40
N GLU G 74 -38.40 -2.11 17.50
CA GLU G 74 -37.73 -0.99 16.88
C GLU G 74 -38.22 0.35 17.42
N TYR G 75 -37.32 1.11 18.01
CA TYR G 75 -37.62 2.40 18.60
C TYR G 75 -37.14 3.55 17.72
N SER G 76 -37.05 4.74 18.29
CA SER G 76 -36.62 5.92 17.54
C SER G 76 -35.90 6.97 18.37
N VAL G 93 -41.86 -0.63 16.35
CA VAL G 93 -42.75 -1.56 15.68
C VAL G 93 -42.32 -2.99 15.95
N LYS G 94 -42.84 -3.61 17.00
CA LYS G 94 -42.49 -4.99 17.30
C LYS G 94 -42.46 -5.78 16.01
N LEU G 95 -41.45 -6.59 15.80
CA LEU G 95 -41.33 -7.33 14.54
C LEU G 95 -40.80 -8.70 14.82
N ASN G 96 -40.78 -9.59 13.84
CA ASN G 96 -40.33 -10.94 14.09
C ASN G 96 -38.94 -11.22 13.59
N GLU G 97 -38.66 -10.78 12.37
CA GLU G 97 -37.31 -10.83 11.86
C GLU G 97 -36.94 -9.52 11.23
N ILE G 98 -35.65 -9.27 11.16
CA ILE G 98 -35.16 -8.04 10.53
C ILE G 98 -33.72 -8.18 10.06
N TYR G 99 -33.43 -7.49 8.97
CA TYR G 99 -32.10 -7.46 8.42
C TYR G 99 -31.58 -6.04 8.52
N ILE G 100 -30.33 -5.90 8.91
CA ILE G 100 -29.71 -4.59 9.07
C ILE G 100 -28.43 -4.58 8.23
N ARG G 101 -28.06 -3.41 7.72
CA ARG G 101 -26.85 -3.29 6.95
C ARG G 101 -25.68 -2.93 7.85
N GLY G 102 -24.54 -3.54 7.62
CA GLY G 102 -23.43 -3.24 8.48
C GLY G 102 -22.98 -1.80 8.55
N THR G 103 -23.25 -1.05 7.50
CA THR G 103 -22.64 0.25 7.32
C THR G 103 -23.51 1.34 7.85
N PHE G 104 -24.68 0.96 8.33
CA PHE G 104 -25.59 1.91 8.90
C PHE G 104 -25.77 1.68 10.38
N ILE G 105 -24.88 0.89 10.94
CA ILE G 105 -24.80 0.73 12.36
C ILE G 105 -23.90 1.81 12.95
N LYS G 106 -24.19 2.19 14.19
CA LYS G 106 -23.39 3.15 14.93
C LYS G 106 -22.54 2.44 15.96
N PHE G 107 -23.21 1.83 16.93
CA PHE G 107 -22.50 1.04 17.92
C PHE G 107 -23.53 0.03 18.38
N ILE G 108 -23.06 -1.08 18.89
CA ILE G 108 -23.97 -2.09 19.40
C ILE G 108 -23.69 -2.35 20.85
N LYS G 109 -24.73 -2.15 21.64
CA LYS G 109 -24.73 -2.50 23.05
C LYS G 109 -25.08 -3.97 23.21
N LEU G 110 -24.30 -4.66 24.01
CA LEU G 110 -24.34 -6.10 24.10
C LEU G 110 -24.50 -6.50 25.54
N GLN G 111 -24.74 -7.79 25.76
CA GLN G 111 -24.90 -8.31 27.10
C GLN G 111 -23.63 -8.17 27.91
N ASP G 112 -23.79 -7.92 29.20
CA ASP G 112 -22.70 -7.63 30.11
C ASP G 112 -21.72 -8.79 30.24
N ASN G 113 -22.22 -10.00 30.09
CA ASN G 113 -21.45 -11.20 30.30
C ASN G 113 -20.73 -11.70 29.07
N ILE G 114 -20.87 -10.97 27.98
CA ILE G 114 -20.45 -11.44 26.69
C ILE G 114 -18.96 -11.65 26.62
N ILE G 115 -18.22 -10.76 27.23
CA ILE G 115 -16.78 -10.89 27.26
C ILE G 115 -16.41 -12.12 28.04
N ASP G 116 -17.13 -12.38 29.12
CA ASP G 116 -16.83 -13.56 29.91
C ASP G 116 -17.05 -14.80 29.07
N LYS G 117 -18.13 -14.84 28.32
CA LYS G 117 -18.47 -16.02 27.56
C LYS G 117 -17.41 -16.34 26.55
N VAL G 118 -16.89 -15.30 25.90
CA VAL G 118 -15.85 -15.47 24.92
C VAL G 118 -14.57 -16.02 25.50
N LYS G 119 -14.27 -15.57 26.73
CA LYS G 119 -13.06 -15.95 27.43
C LYS G 119 -12.91 -17.46 27.48
N GLN G 120 -13.89 -18.13 28.08
CA GLN G 120 -13.81 -19.59 28.14
C GLN G 120 -13.43 -20.18 26.78
N TYR H 10 -4.87 -4.34 4.62
CA TYR H 10 -3.77 -4.54 5.55
C TYR H 10 -3.62 -6.01 5.90
N ASN H 11 -4.68 -6.78 5.79
CA ASN H 11 -4.60 -8.16 6.21
C ASN H 11 -3.59 -8.91 5.35
N PHE H 12 -3.63 -8.70 4.05
CA PHE H 12 -2.69 -9.35 3.16
C PHE H 12 -1.46 -8.52 3.06
N THR H 13 -0.72 -8.47 4.17
CA THR H 13 0.46 -7.65 4.27
C THR H 13 1.61 -8.45 4.84
N THR H 14 2.81 -7.95 4.59
CA THR H 14 4.03 -8.56 5.11
C THR H 14 4.14 -8.27 6.60
N THR H 15 3.60 -7.13 7.01
CA THR H 15 3.62 -6.74 8.43
C THR H 15 2.59 -7.54 9.21
N ALA H 16 1.49 -7.89 8.56
CA ALA H 16 0.42 -8.66 9.18
C ALA H 16 0.84 -10.12 9.28
N ALA H 17 1.83 -10.50 8.48
CA ALA H 17 2.35 -11.85 8.48
C ALA H 17 3.15 -12.17 9.71
N ILE H 18 3.98 -11.22 10.14
CA ILE H 18 4.92 -11.48 11.22
C ILE H 18 4.58 -10.95 12.61
N VAL H 19 3.51 -10.20 12.76
CA VAL H 19 3.22 -9.54 14.03
C VAL H 19 3.02 -10.58 15.08
N SER H 20 2.56 -11.74 14.66
CA SER H 20 2.23 -12.81 15.57
C SER H 20 3.41 -13.28 16.38
N SER H 21 4.58 -13.34 15.76
CA SER H 21 5.82 -13.68 16.43
C SER H 21 6.26 -12.64 17.46
N VAL H 22 5.95 -11.38 17.20
CA VAL H 22 6.53 -10.30 18.00
C VAL H 22 6.66 -10.75 19.44
N ASP H 23 7.83 -10.52 20.01
CA ASP H 23 8.10 -10.94 21.37
C ASP H 23 8.08 -12.45 21.56
N ARG H 24 7.86 -13.17 20.46
CA ARG H 24 7.94 -14.62 20.43
C ARG H 24 9.37 -15.00 20.17
N LYS H 25 9.63 -16.29 20.06
CA LYS H 25 10.98 -16.75 19.77
C LYS H 25 11.01 -17.38 18.40
N ILE H 26 11.95 -16.97 17.56
CA ILE H 26 11.91 -17.29 16.14
C ILE H 26 13.20 -17.85 15.54
N PHE H 27 13.06 -18.65 14.48
CA PHE H 27 14.26 -18.99 13.73
C PHE H 27 14.47 -18.10 12.52
N VAL H 28 15.74 -17.99 12.13
CA VAL H 28 16.12 -17.13 11.01
C VAL H 28 17.20 -17.71 10.12
N LEU H 29 16.84 -18.06 8.89
CA LEU H 29 17.83 -18.54 7.94
C LEU H 29 18.39 -17.38 7.14
N LEU H 30 19.71 -17.33 6.99
CA LEU H 30 20.33 -16.27 6.22
C LEU H 30 20.82 -16.79 4.85
N ARG H 31 20.98 -15.88 3.90
CA ARG H 31 21.31 -16.24 2.55
C ARG H 31 22.71 -16.82 2.48
N ASP H 32 23.42 -16.73 3.59
CA ASP H 32 24.78 -17.24 3.65
C ASP H 32 24.84 -18.57 4.37
N GLY H 33 23.68 -19.09 4.76
CA GLY H 33 23.64 -20.35 5.45
C GLY H 33 23.33 -20.26 6.91
N ARG H 34 23.90 -19.29 7.58
CA ARG H 34 23.76 -19.16 9.02
C ARG H 34 22.37 -19.49 9.52
N LEU H 36 19.97 -19.00 12.98
CA LEU H 36 19.94 -17.95 13.98
C LEU H 36 18.68 -18.07 14.82
N PHE H 37 18.84 -17.99 16.12
CA PHE H 37 17.72 -18.15 17.03
C PHE H 37 17.64 -16.97 18.01
N GLY H 38 16.45 -16.58 18.41
CA GLY H 38 16.37 -15.41 19.26
C GLY H 38 14.96 -14.95 19.49
N VAL H 39 14.80 -13.81 20.15
CA VAL H 39 13.48 -13.30 20.44
C VAL H 39 13.24 -12.04 19.64
N LEU H 40 12.13 -11.98 18.94
CA LEU H 40 11.89 -10.91 18.01
C LEU H 40 11.31 -9.72 18.70
N ARG H 41 12.01 -8.61 18.63
CA ARG H 41 11.59 -7.43 19.34
C ARG H 41 10.80 -6.48 18.48
N THR H 42 11.31 -6.19 17.30
CA THR H 42 10.64 -5.26 16.44
C THR H 42 11.03 -5.60 15.02
N PHE H 43 10.19 -5.21 14.06
CA PHE H 43 10.39 -5.54 12.66
C PHE H 43 9.67 -4.53 11.80
N ASP H 44 9.87 -4.65 10.48
CA ASP H 44 9.29 -3.74 9.51
C ASP H 44 8.79 -4.42 8.25
N GLN H 45 8.20 -3.65 7.36
CA GLN H 45 7.57 -4.16 6.16
C GLN H 45 8.60 -4.88 5.32
N TYR H 46 9.84 -4.41 5.41
CA TYR H 46 10.91 -4.95 4.62
C TYR H 46 11.55 -6.14 5.28
N ALA H 47 11.04 -6.51 6.44
CA ALA H 47 11.48 -7.71 7.12
C ALA H 47 12.80 -7.52 7.79
N ASN H 48 13.16 -6.26 7.98
CA ASN H 48 14.32 -5.96 8.77
C ASN H 48 13.95 -6.35 10.17
N LEU H 49 14.91 -6.89 10.92
CA LEU H 49 14.66 -7.37 12.27
C LEU H 49 15.62 -6.89 13.33
N ILE H 50 15.14 -6.88 14.56
CA ILE H 50 15.98 -6.75 15.74
C ILE H 50 15.70 -7.94 16.64
N LEU H 51 16.74 -8.65 17.06
CA LEU H 51 16.59 -9.79 17.95
C LEU H 51 17.34 -9.59 19.26
N GLN H 52 16.74 -10.09 20.33
CA GLN H 52 17.35 -10.02 21.64
C GLN H 52 17.72 -11.41 22.09
N ASP H 53 18.83 -11.52 22.81
CA ASP H 53 19.30 -12.83 23.23
C ASP H 53 19.54 -13.71 22.04
N CYS H 54 20.06 -13.11 20.97
CA CYS H 54 20.32 -13.86 19.75
C CYS H 54 21.32 -14.96 19.96
N VAL H 55 21.21 -16.00 19.16
CA VAL H 55 22.06 -17.17 19.28
C VAL H 55 22.17 -17.88 17.94
N GLU H 56 23.40 -18.09 17.49
CA GLU H 56 23.73 -18.72 16.22
C GLU H 56 23.94 -20.20 16.43
N ARG H 57 23.39 -21.04 15.56
CA ARG H 57 23.58 -22.49 15.72
C ARG H 57 24.14 -23.14 14.48
N ILE H 58 25.23 -23.89 14.61
CA ILE H 58 25.76 -24.57 13.45
C ILE H 58 25.46 -26.04 13.58
N TYR H 59 24.89 -26.62 12.54
CA TYR H 59 24.49 -28.00 12.58
C TYR H 59 25.40 -28.84 11.74
N PHE H 60 25.94 -29.91 12.31
CA PHE H 60 26.55 -30.94 11.53
C PHE H 60 25.72 -32.18 11.80
N SER H 61 24.86 -32.53 10.87
CA SER H 61 23.97 -33.65 11.08
C SER H 61 24.72 -34.96 11.21
N GLU H 62 25.75 -35.14 10.40
CA GLU H 62 26.42 -36.42 10.35
C GLU H 62 27.06 -36.85 11.65
N GLU H 63 27.77 -35.94 12.33
CA GLU H 63 28.36 -36.33 13.58
C GLU H 63 27.31 -36.18 14.69
N ASN H 64 26.05 -36.05 14.28
CA ASN H 64 24.94 -35.87 15.21
C ASN H 64 25.28 -34.81 16.24
N LYS H 65 25.67 -33.63 15.78
CA LYS H 65 26.17 -32.60 16.68
C LYS H 65 25.91 -31.17 16.22
N TYR H 66 25.16 -30.45 17.04
CA TYR H 66 24.93 -29.02 16.90
C TYR H 66 26.03 -28.22 17.60
N ALA H 67 25.78 -26.92 17.75
CA ALA H 67 26.74 -26.04 18.39
C ALA H 67 26.09 -24.69 18.52
N GLU H 68 26.44 -23.96 19.56
CA GLU H 68 25.73 -22.74 19.85
C GLU H 68 26.73 -21.70 20.19
N GLU H 69 26.43 -20.47 19.82
CA GLU H 69 27.25 -19.35 20.24
C GLU H 69 26.36 -18.15 20.47
N ASP H 70 26.49 -17.57 21.65
CA ASP H 70 25.65 -16.47 22.03
C ASP H 70 25.97 -15.28 21.18
N ARG H 71 25.00 -14.77 20.42
CA ARG H 71 25.30 -13.62 19.59
C ARG H 71 24.89 -12.29 20.21
N GLY H 72 23.75 -12.25 20.87
CA GLY H 72 23.36 -11.05 21.57
C GLY H 72 22.18 -10.35 20.93
N ILE H 73 22.24 -9.02 20.90
CA ILE H 73 21.22 -8.22 20.27
C ILE H 73 21.68 -7.88 18.88
N PHE H 74 20.93 -8.36 17.91
CA PHE H 74 21.28 -8.29 16.50
C PHE H 74 20.23 -7.56 15.73
N ILE H 76 18.97 -7.36 11.81
CA ILE H 76 19.10 -8.08 10.56
C ILE H 76 18.43 -7.34 9.41
N ARG H 77 19.22 -7.01 8.39
CA ARG H 77 18.72 -6.36 7.19
C ARG H 77 17.93 -7.39 6.42
N GLY H 78 16.62 -7.18 6.31
CA GLY H 78 15.74 -8.20 5.80
C GLY H 78 16.03 -8.91 4.49
N GLU H 79 16.67 -8.20 3.57
CA GLU H 79 17.16 -8.69 2.30
C GLU H 79 17.88 -10.00 2.41
N ASN H 80 18.52 -10.20 3.53
CA ASN H 80 19.40 -11.32 3.73
C ASN H 80 18.69 -12.54 4.27
N VAL H 81 17.41 -12.40 4.53
CA VAL H 81 16.66 -13.45 5.18
C VAL H 81 16.00 -14.34 4.16
N VAL H 82 16.39 -15.60 4.13
CA VAL H 82 15.67 -16.62 3.39
C VAL H 82 14.32 -16.92 3.99
N LEU H 84 12.05 -17.18 8.09
CA LEU H 84 12.03 -17.03 9.52
C LEU H 84 10.75 -17.62 10.10
N GLY H 85 10.81 -18.05 11.35
CA GLY H 85 9.65 -18.69 11.96
C GLY H 85 9.55 -18.56 13.47
N GLU H 86 8.35 -18.76 13.99
CA GLU H 86 8.15 -18.88 15.42
C GLU H 86 8.39 -20.30 15.84
N VAL H 87 9.01 -20.46 16.99
CA VAL H 87 9.44 -21.76 17.43
C VAL H 87 8.62 -22.10 18.66
N ASP H 88 8.28 -23.36 18.81
CA ASP H 88 7.53 -23.79 19.96
C ASP H 88 8.49 -24.39 20.94
N ILE H 89 8.43 -23.91 22.16
CA ILE H 89 9.44 -24.22 23.14
C ILE H 89 9.48 -25.72 23.38
N ASP H 90 8.29 -26.25 23.60
CA ASP H 90 8.09 -27.62 24.06
C ASP H 90 8.54 -28.67 23.07
N LYS H 91 8.17 -28.52 21.81
CA LYS H 91 8.55 -29.46 20.76
C LYS H 91 10.00 -29.29 20.32
N GLU H 92 10.56 -28.12 20.63
CA GLU H 92 11.95 -27.83 20.33
C GLU H 92 12.86 -28.71 21.15
N ASP H 93 12.52 -28.89 22.41
CA ASP H 93 13.47 -29.48 23.34
C ASP H 93 13.91 -30.91 23.04
N GLN H 94 12.91 -31.76 22.80
CA GLN H 94 13.13 -33.17 22.52
C GLN H 94 14.14 -33.33 21.40
N PRO H 95 13.83 -32.76 20.23
CA PRO H 95 14.72 -32.85 19.07
C PRO H 95 15.78 -31.74 19.09
N LEU H 96 15.57 -30.73 19.93
CA LEU H 96 16.50 -29.61 20.03
C LEU H 96 17.88 -30.09 20.48
N GLU H 97 17.91 -30.85 21.58
CA GLU H 97 19.16 -31.36 22.12
C GLU H 97 19.14 -32.88 22.21
N ALA H 98 19.23 -33.54 21.06
CA ALA H 98 19.22 -35.00 21.01
C ALA H 98 20.59 -35.54 20.60
N GLU H 100 24.97 -34.64 19.88
CA GLU H 100 26.09 -34.23 20.71
C GLU H 100 26.44 -32.81 20.37
N ARG H 101 26.85 -32.06 21.38
CA ARG H 101 27.24 -30.69 21.17
C ARG H 101 28.75 -30.57 21.13
N ILE H 102 29.30 -30.39 19.94
CA ILE H 102 30.71 -30.04 19.81
C ILE H 102 30.87 -28.55 20.06
N PRO H 103 31.99 -28.13 20.66
CA PRO H 103 32.21 -26.69 20.90
C PRO H 103 31.99 -25.90 19.62
N PHE H 104 31.58 -24.63 19.72
CA PHE H 104 31.31 -23.87 18.52
C PHE H 104 32.50 -23.47 17.67
N LYS H 105 33.53 -22.89 18.26
CA LYS H 105 34.59 -22.32 17.45
C LYS H 105 35.28 -23.37 16.60
N GLU H 106 35.47 -24.54 17.16
CA GLU H 106 35.99 -25.65 16.38
C GLU H 106 34.98 -25.92 15.28
N ALA H 107 33.71 -25.85 15.65
CA ALA H 107 32.62 -26.06 14.72
C ALA H 107 32.66 -25.01 13.64
N TRP H 108 32.97 -23.79 14.01
CA TRP H 108 33.00 -22.73 13.02
C TRP H 108 34.04 -23.03 11.97
N LEU H 109 35.25 -23.41 12.39
CA LEU H 109 36.28 -23.64 11.40
C LEU H 109 35.91 -24.83 10.56
N THR H 110 35.43 -25.87 11.22
CA THR H 110 35.08 -27.09 10.52
C THR H 110 33.96 -26.75 9.58
N LYS H 111 33.05 -25.91 10.07
CA LYS H 111 31.89 -25.59 9.27
C LYS H 111 32.25 -24.67 8.10
N GLN H 112 33.20 -23.78 8.34
CA GLN H 112 33.65 -22.84 7.30
C GLN H 112 34.50 -23.56 6.25
N LYS H 113 35.41 -24.40 6.71
CA LYS H 113 36.29 -25.16 5.81
C LYS H 113 35.47 -25.89 4.76
N ASN H 114 34.46 -26.64 5.21
CA ASN H 114 33.60 -27.39 4.31
C ASN H 114 32.70 -26.49 3.49
N ASP H 115 32.55 -25.24 3.94
CA ASP H 115 31.71 -24.28 3.24
C ASP H 115 32.42 -23.70 2.02
N GLU H 116 33.65 -23.22 2.24
CA GLU H 116 34.44 -22.65 1.15
C GLU H 116 34.74 -23.70 0.09
N LYS H 117 34.98 -24.92 0.54
CA LYS H 117 35.19 -26.05 -0.37
C LYS H 117 33.97 -26.21 -1.29
N ARG H 118 32.79 -26.11 -0.69
CA ARG H 118 31.55 -26.07 -1.45
C ARG H 118 31.66 -25.03 -2.55
N PHE H 119 32.28 -23.90 -2.28
CA PHE H 119 32.31 -22.85 -3.27
C PHE H 119 32.98 -23.33 -4.54
N LYS H 120 34.11 -24.01 -4.38
CA LYS H 120 34.89 -24.40 -5.53
C LYS H 120 34.21 -25.38 -6.45
N GLU H 121 33.63 -26.42 -5.88
CA GLU H 121 33.07 -27.46 -6.70
C GLU H 121 31.94 -26.91 -7.51
N GLU H 122 31.12 -26.10 -6.87
CA GLU H 122 29.98 -25.53 -7.55
C GLU H 122 30.50 -24.65 -8.66
N THR H 123 31.53 -23.88 -8.33
CA THR H 123 32.11 -22.90 -9.25
C THR H 123 32.53 -23.53 -10.56
N HIS H 124 33.17 -24.69 -10.51
CA HIS H 124 33.65 -25.32 -11.72
C HIS H 124 32.45 -25.66 -12.55
N LYS H 125 31.45 -26.21 -11.87
CA LYS H 125 30.25 -26.66 -12.53
C LYS H 125 29.66 -25.45 -13.18
N GLY H 126 29.72 -24.33 -12.48
CA GLY H 126 29.10 -23.13 -12.97
C GLY H 126 29.76 -22.70 -14.25
N LYS H 127 31.08 -22.68 -14.25
CA LYS H 127 31.78 -22.22 -15.45
C LYS H 127 31.52 -23.14 -16.63
N LYS H 128 31.71 -24.44 -16.42
CA LYS H 128 31.62 -25.41 -17.49
C LYS H 128 30.25 -25.54 -18.14
N ALA H 130 28.12 -23.47 -18.47
CA ALA H 130 27.85 -22.32 -19.30
C ALA H 130 28.41 -22.64 -20.66
N ARG H 131 29.54 -23.32 -20.68
CA ARG H 131 30.18 -23.64 -21.92
C ARG H 131 29.18 -24.44 -22.73
N HIS H 132 28.40 -25.26 -22.05
CA HIS H 132 27.35 -26.01 -22.72
C HIS H 132 26.01 -25.27 -22.67
N GLY H 133 26.02 -24.06 -22.13
CA GLY H 133 24.85 -23.23 -22.09
C GLY H 133 23.82 -23.66 -21.08
N ILE H 134 24.29 -24.03 -19.90
CA ILE H 134 23.42 -24.34 -18.78
C ILE H 134 23.78 -23.33 -17.68
N VAL H 135 22.77 -22.65 -17.16
CA VAL H 135 22.98 -21.49 -16.29
C VAL H 135 23.05 -21.79 -14.80
N TYR H 136 24.26 -22.05 -14.31
CA TYR H 136 24.47 -22.35 -12.91
C TYR H 136 24.92 -21.12 -12.13
N ASP H 137 24.05 -20.15 -12.01
CA ASP H 137 24.40 -18.95 -11.28
C ASP H 137 24.60 -19.33 -9.83
N PHE H 138 25.83 -19.27 -9.36
CA PHE H 138 26.10 -19.48 -7.96
C PHE H 138 26.79 -18.27 -7.37
N HIS H 139 26.65 -18.09 -6.06
CA HIS H 139 27.26 -16.96 -5.36
C HIS H 139 27.76 -17.37 -3.98
N LYS H 140 28.82 -16.70 -3.53
CA LYS H 140 29.40 -17.00 -2.22
C LYS H 140 28.39 -16.76 -1.10
N SER H 141 27.48 -15.82 -1.33
CA SER H 141 26.46 -15.49 -0.34
C SER H 141 25.19 -16.30 -0.59
N ASP H 142 25.10 -16.91 -1.75
CA ASP H 142 23.93 -17.72 -2.12
C ASP H 142 24.15 -19.19 -1.77
N LEU I 2 -1.40 -8.93 -10.51
CA LEU I 2 -2.05 -10.15 -10.87
C LEU I 2 -1.75 -11.19 -9.82
N PHE I 3 -0.51 -11.66 -9.81
CA PHE I 3 -0.09 -12.73 -8.95
C PHE I 3 -0.39 -12.47 -7.49
N PHE I 4 -0.31 -11.22 -7.09
CA PHE I 4 -0.65 -10.91 -5.73
C PHE I 4 -2.03 -11.49 -5.53
N SER I 5 -2.97 -11.06 -6.35
CA SER I 5 -4.37 -11.36 -6.13
C SER I 5 -4.68 -12.82 -6.45
N PHE I 6 -3.85 -13.43 -7.29
CA PHE I 6 -4.02 -14.82 -7.67
C PHE I 6 -3.77 -15.74 -6.48
N PHE I 7 -2.70 -15.48 -5.74
CA PHE I 7 -2.36 -16.28 -4.57
C PHE I 7 -3.37 -16.16 -3.45
N LYS I 8 -4.08 -15.03 -3.43
CA LYS I 8 -5.08 -14.79 -2.39
C LYS I 8 -6.18 -15.83 -2.46
N THR I 9 -6.49 -16.26 -3.68
CA THR I 9 -7.50 -17.28 -3.88
C THR I 9 -6.87 -18.63 -3.64
N LEU I 10 -5.65 -18.61 -3.10
CA LEU I 10 -4.92 -19.81 -2.85
C LEU I 10 -4.78 -19.99 -1.36
N VAL I 11 -5.26 -18.99 -0.64
CA VAL I 11 -5.14 -18.99 0.81
C VAL I 11 -5.82 -20.19 1.42
N ASP I 12 -5.23 -20.71 2.49
CA ASP I 12 -5.78 -21.87 3.18
C ASP I 12 -5.65 -23.14 2.33
N GLN I 13 -4.84 -23.05 1.27
CA GLN I 13 -4.63 -24.18 0.38
C GLN I 13 -3.19 -24.69 0.46
N GLU I 14 -3.03 -26.00 0.59
CA GLU I 14 -1.72 -26.61 0.68
C GLU I 14 -0.95 -26.46 -0.63
N VAL I 15 0.37 -26.29 -0.52
CA VAL I 15 1.22 -26.13 -1.70
C VAL I 15 2.69 -26.23 -1.33
N VAL I 16 3.45 -26.96 -2.15
CA VAL I 16 4.87 -27.13 -1.92
C VAL I 16 5.64 -25.95 -2.56
N VAL I 17 6.76 -25.59 -1.97
CA VAL I 17 7.52 -24.44 -2.42
C VAL I 17 9.00 -24.77 -2.53
N GLU I 18 9.45 -24.95 -3.76
CA GLU I 18 10.84 -25.21 -4.02
C GLU I 18 11.65 -23.94 -3.95
N LEU I 19 12.57 -23.92 -3.01
CA LEU I 19 13.52 -22.84 -2.87
C LEU I 19 14.56 -22.97 -3.95
N LYS I 20 15.26 -21.87 -4.21
CA LYS I 20 16.40 -21.90 -5.12
C LYS I 20 17.46 -22.83 -4.53
N ASN I 21 17.35 -23.08 -3.22
CA ASN I 21 18.25 -23.99 -2.54
C ASN I 21 17.96 -25.46 -2.82
N ASP I 22 16.89 -25.71 -3.57
CA ASP I 22 16.51 -27.07 -3.95
C ASP I 22 15.82 -27.82 -2.82
N ILE I 23 15.21 -27.05 -1.92
CA ILE I 23 14.48 -27.58 -0.79
C ILE I 23 13.01 -27.36 -0.99
N GLU I 24 12.21 -28.38 -0.75
CA GLU I 24 10.77 -28.27 -0.95
C GLU I 24 10.08 -28.23 0.39
N ILE I 25 9.22 -27.24 0.59
CA ILE I 25 8.48 -27.12 1.83
C ILE I 25 6.98 -27.20 1.58
N LYS I 26 6.29 -28.05 2.34
CA LYS I 26 4.87 -28.21 2.16
C LYS I 26 4.16 -27.65 3.36
N GLY I 27 3.19 -26.79 3.09
CA GLY I 27 2.50 -26.09 4.12
C GLY I 27 1.18 -25.60 3.61
N THR I 28 0.35 -25.10 4.51
CA THR I 28 -0.92 -24.53 4.12
C THR I 28 -0.74 -23.04 3.99
N LEU I 29 -1.10 -22.50 2.85
CA LEU I 29 -0.95 -21.06 2.64
C LEU I 29 -1.79 -20.32 3.65
N GLN I 30 -1.24 -19.22 4.14
CA GLN I 30 -1.92 -18.35 5.09
C GLN I 30 -1.82 -16.88 4.71
N SER I 31 -0.84 -16.52 3.88
CA SER I 31 -0.71 -15.11 3.52
C SER I 31 0.35 -14.78 2.48
N VAL I 32 0.16 -13.62 1.82
CA VAL I 32 1.05 -13.12 0.77
C VAL I 32 1.14 -11.60 0.77
N ASP I 33 2.28 -11.09 0.34
CA ASP I 33 2.54 -9.67 0.29
C ASP I 33 2.74 -9.27 -1.16
N GLN I 34 2.57 -8.00 -1.45
CA GLN I 34 2.66 -7.53 -2.82
C GLN I 34 4.02 -7.84 -3.40
N PHE I 35 4.90 -8.33 -2.55
CA PHE I 35 6.22 -8.75 -2.99
C PHE I 35 6.24 -10.23 -3.19
N LEU I 36 5.11 -10.88 -2.97
CA LEU I 36 4.99 -12.29 -3.21
C LEU I 36 5.83 -13.07 -2.26
N ASN I 37 5.94 -12.55 -1.05
CA ASN I 37 6.55 -13.25 0.04
C ASN I 37 5.52 -14.20 0.56
N LEU I 38 5.92 -15.40 0.93
CA LEU I 38 4.94 -16.41 1.32
C LEU I 38 5.00 -16.80 2.80
N LYS I 39 3.86 -16.96 3.45
CA LYS I 39 3.82 -17.47 4.82
C LYS I 39 3.06 -18.77 4.89
N LEU I 40 3.56 -19.71 5.67
CA LEU I 40 3.01 -21.05 5.66
C LEU I 40 2.72 -21.63 7.03
N ASP I 41 1.81 -22.60 7.08
CA ASP I 41 1.37 -23.19 8.33
C ASP I 41 1.40 -24.71 8.26
N ASN I 42 1.77 -25.33 9.37
CA ASN I 42 1.83 -26.77 9.44
C ASN I 42 2.83 -27.30 8.46
N ILE I 43 4.00 -26.69 8.47
CA ILE I 43 5.01 -27.06 7.52
C ILE I 43 5.40 -28.50 7.71
N SER I 44 5.52 -29.21 6.59
CA SER I 44 6.11 -30.52 6.56
C SER I 44 7.23 -30.40 5.52
N SER I 45 8.44 -30.82 5.89
CA SER I 45 9.59 -30.67 5.02
C SER I 45 10.49 -31.91 5.03
N THR I 46 11.20 -32.12 3.93
CA THR I 46 11.93 -33.36 3.68
C THR I 46 13.07 -33.72 4.65
N ASP I 47 13.89 -32.76 5.04
CA ASP I 47 14.97 -33.08 5.98
C ASP I 47 16.02 -31.98 6.05
N LYS I 50 18.63 -31.44 5.86
CA LYS I 50 19.50 -30.26 5.87
C LYS I 50 19.24 -29.32 7.03
N TYR I 51 17.97 -29.07 7.34
CA TYR I 51 17.62 -28.19 8.45
C TYR I 51 16.88 -28.96 9.53
N PRO I 52 17.60 -29.41 10.53
CA PRO I 52 16.99 -30.12 11.66
C PRO I 52 16.11 -29.30 12.59
N HIS I 53 16.54 -28.09 12.92
CA HIS I 53 15.89 -27.25 13.93
C HIS I 53 14.50 -26.91 13.47
N LEU I 54 14.35 -26.89 12.16
CA LEU I 54 13.13 -26.53 11.50
C LEU I 54 12.06 -27.55 11.86
N GLY I 55 12.48 -28.58 12.57
CA GLY I 55 11.58 -29.67 12.91
C GLY I 55 10.39 -29.23 13.75
N SER I 56 10.60 -28.26 14.62
CA SER I 56 9.55 -27.88 15.53
C SER I 56 9.25 -26.39 15.44
N VAL I 57 8.62 -26.01 14.34
CA VAL I 57 8.22 -24.62 14.16
C VAL I 57 6.75 -24.56 13.83
N ARG I 58 6.04 -23.66 14.48
CA ARG I 58 4.62 -23.52 14.24
C ARG I 58 4.31 -23.07 12.83
N ASN I 59 5.09 -22.13 12.32
CA ASN I 59 4.85 -21.61 10.98
C ASN I 59 6.08 -20.90 10.42
N ILE I 60 6.08 -20.62 9.12
CA ILE I 60 7.19 -19.93 8.50
C ILE I 60 6.79 -18.91 7.45
N PHE I 61 7.76 -18.13 7.03
CA PHE I 61 7.54 -17.04 6.09
C PHE I 61 8.75 -16.92 5.21
N ILE I 62 8.53 -16.87 3.90
CA ILE I 62 9.62 -16.93 2.95
C ILE I 62 9.67 -15.70 2.10
N ARG I 63 10.81 -15.04 2.08
CA ARG I 63 10.98 -13.92 1.21
C ARG I 63 10.90 -14.49 -0.17
N GLY I 64 10.27 -13.76 -1.07
CA GLY I 64 9.99 -14.30 -2.37
C GLY I 64 11.22 -14.67 -3.14
N SER I 65 12.23 -13.83 -3.04
CA SER I 65 13.34 -13.84 -3.95
C SER I 65 14.02 -15.19 -3.95
N THR I 66 13.99 -15.86 -2.82
CA THR I 66 14.56 -17.19 -2.68
C THR I 66 13.82 -18.29 -3.41
N VAL I 67 12.55 -18.08 -3.72
CA VAL I 67 11.71 -19.08 -4.37
C VAL I 67 12.06 -19.39 -5.83
N ARG I 68 11.81 -20.63 -6.23
CA ARG I 68 12.00 -21.11 -7.57
C ARG I 68 10.62 -21.42 -8.08
N TYR I 69 9.91 -22.30 -7.38
CA TYR I 69 8.62 -22.81 -7.79
C TYR I 69 7.59 -22.78 -6.68
N VAL I 70 6.34 -22.89 -7.06
CA VAL I 70 5.27 -23.10 -6.13
C VAL I 70 4.22 -23.91 -6.85
N TYR I 71 3.70 -24.91 -6.18
CA TYR I 71 2.92 -25.94 -6.84
C TYR I 71 1.45 -25.82 -6.61
N LEU I 72 0.68 -25.83 -7.70
CA LEU I 72 -0.76 -25.73 -7.62
C LEU I 72 -1.44 -26.97 -8.21
N ASN I 73 -2.64 -26.78 -8.75
CA ASN I 73 -3.39 -27.88 -9.35
C ASN I 73 -4.63 -27.38 -10.09
N LYS I 74 -5.26 -28.27 -10.85
CA LYS I 74 -6.45 -27.91 -11.61
C LYS I 74 -7.48 -27.22 -10.73
N ASN I 75 -8.15 -28.00 -9.88
CA ASN I 75 -9.15 -27.47 -8.98
C ASN I 75 -8.64 -26.29 -8.17
N VAL I 77 -7.31 -23.54 -9.44
CA VAL I 77 -7.71 -22.33 -10.12
C VAL I 77 -8.03 -22.40 -11.59
N ASP I 78 -8.62 -21.33 -12.10
CA ASP I 78 -9.28 -21.37 -13.40
C ASP I 78 -8.34 -20.90 -14.48
N THR I 79 -7.72 -21.84 -15.18
CA THR I 79 -6.79 -21.43 -16.23
C THR I 79 -7.33 -20.23 -17.00
N ASN I 80 -8.49 -20.45 -17.58
CA ASN I 80 -9.11 -19.53 -18.49
C ASN I 80 -9.33 -18.26 -17.73
N LEU I 81 -9.76 -18.36 -16.48
CA LEU I 81 -9.98 -17.14 -15.72
C LEU I 81 -8.67 -16.43 -15.53
N LEU I 82 -7.64 -17.21 -15.23
CA LEU I 82 -6.33 -16.64 -15.03
C LEU I 82 -5.84 -16.00 -16.31
N GLN I 83 -6.05 -16.70 -17.41
CA GLN I 83 -5.49 -16.29 -18.69
C GLN I 83 -6.08 -14.97 -19.07
N ASP I 84 -7.38 -14.85 -18.84
CA ASP I 84 -8.12 -13.65 -19.20
C ASP I 84 -7.51 -12.42 -18.52
N ALA I 85 -7.15 -12.57 -17.25
CA ALA I 85 -6.55 -11.47 -16.53
C ALA I 85 -5.20 -11.19 -17.14
N THR I 86 -4.47 -12.25 -17.42
CA THR I 86 -3.10 -12.09 -17.91
C THR I 86 -3.06 -11.18 -19.14
N ARG I 87 -3.99 -11.40 -20.06
CA ARG I 87 -4.07 -10.61 -21.28
C ARG I 87 -4.09 -9.12 -20.96
N ARG I 88 -4.70 -8.76 -19.83
CA ARG I 88 -4.79 -7.37 -19.41
C ARG I 88 -3.48 -6.91 -18.75
N THR J 3 6.88 -3.42 -26.97
CA THR J 3 6.69 -4.22 -25.77
C THR J 3 6.76 -5.71 -26.09
N PRO J 4 7.93 -6.30 -25.88
CA PRO J 4 8.13 -7.74 -26.15
C PRO J 4 7.37 -8.61 -25.16
N LEU J 5 6.75 -8.01 -24.17
CA LEU J 5 5.89 -8.74 -23.29
C LEU J 5 4.72 -9.21 -24.14
N ASP J 6 4.49 -8.54 -25.25
CA ASP J 6 3.32 -8.87 -26.04
C ASP J 6 3.52 -10.12 -26.84
N LEU J 7 4.75 -10.43 -27.19
CA LEU J 7 5.03 -11.68 -27.83
C LEU J 7 4.54 -12.78 -26.94
N LEU J 8 4.53 -12.47 -25.65
CA LEU J 8 4.17 -13.44 -24.63
C LEU J 8 2.67 -13.62 -24.55
N LYS J 9 1.92 -12.54 -24.80
CA LYS J 9 0.49 -12.67 -24.75
C LYS J 9 0.12 -13.57 -25.90
N LEU J 10 0.89 -13.50 -26.97
CA LEU J 10 0.60 -14.31 -28.13
C LEU J 10 0.66 -15.78 -27.79
N ASN J 11 1.62 -16.17 -26.97
CA ASN J 11 1.83 -17.57 -26.69
C ASN J 11 0.89 -18.06 -25.62
N LEU J 12 0.05 -17.16 -25.14
CA LEU J 12 -0.77 -17.45 -24.00
C LEU J 12 -1.55 -18.70 -24.28
N ASP J 13 -1.50 -19.62 -23.35
CA ASP J 13 -2.10 -20.92 -23.56
C ASP J 13 -1.51 -21.61 -24.77
N GLU J 14 -0.21 -21.44 -24.98
CA GLU J 14 0.50 -22.18 -25.98
C GLU J 14 1.69 -22.74 -25.25
N ARG J 15 2.18 -23.91 -25.62
CA ARG J 15 3.36 -24.38 -24.94
C ARG J 15 4.47 -23.38 -25.16
N VAL J 16 5.46 -23.39 -24.28
CA VAL J 16 6.56 -22.44 -24.33
C VAL J 16 7.85 -23.06 -23.79
N TYR J 17 8.99 -22.46 -24.12
CA TYR J 17 10.24 -22.98 -23.61
C TYR J 17 10.73 -21.97 -22.58
N ILE J 18 10.96 -22.43 -21.36
CA ILE J 18 11.54 -21.59 -20.33
C ILE J 18 12.91 -22.12 -19.91
N LYS J 19 13.94 -21.28 -20.03
CA LYS J 19 15.28 -21.67 -19.61
C LYS J 19 15.64 -20.91 -18.34
N LEU J 20 15.87 -21.62 -17.24
CA LEU J 20 16.08 -20.95 -15.97
C LEU J 20 17.51 -20.95 -15.43
N ARG J 21 17.85 -19.83 -14.79
CA ARG J 21 19.03 -19.75 -13.96
C ARG J 21 18.82 -20.78 -12.91
N GLY J 22 19.70 -21.76 -12.85
CA GLY J 22 19.51 -22.80 -11.86
C GLY J 22 19.79 -24.18 -12.42
N ALA J 23 20.43 -24.20 -13.59
CA ALA J 23 20.73 -25.40 -14.37
C ALA J 23 19.48 -26.13 -14.79
N ARG J 24 18.37 -25.40 -14.87
CA ARG J 24 17.08 -26.00 -15.10
C ARG J 24 16.46 -25.53 -16.40
N THR J 25 15.48 -26.28 -16.88
CA THR J 25 14.80 -25.94 -18.11
C THR J 25 13.34 -26.39 -17.95
N LEU J 26 12.37 -25.60 -18.33
CA LEU J 26 11.04 -26.09 -18.14
C LEU J 26 10.14 -25.82 -19.33
N VAL J 27 9.29 -26.79 -19.65
CA VAL J 27 8.41 -26.67 -20.78
C VAL J 27 6.99 -27.04 -20.41
N GLY J 28 6.04 -26.27 -20.93
CA GLY J 28 4.63 -26.40 -20.59
C GLY J 28 3.70 -25.24 -20.91
N THR J 29 2.40 -25.49 -20.89
CA THR J 29 1.45 -24.54 -21.41
C THR J 29 1.26 -23.28 -20.59
N LEU J 30 1.89 -22.22 -21.04
CA LEU J 30 1.84 -20.90 -20.46
C LEU J 30 0.42 -20.60 -20.02
N GLN J 31 0.28 -20.07 -18.81
CA GLN J 31 -1.05 -19.78 -18.26
C GLN J 31 -1.19 -18.32 -17.87
N ALA J 32 -0.11 -17.75 -17.35
CA ALA J 32 -0.13 -16.35 -16.93
C ALA J 32 1.27 -15.79 -16.81
N PHE J 33 1.43 -14.49 -17.05
CA PHE J 33 2.71 -13.83 -16.79
C PHE J 33 2.53 -12.36 -16.40
N ASP J 34 3.64 -11.75 -15.95
CA ASP J 34 3.67 -10.36 -15.51
C ASP J 34 4.96 -9.63 -15.88
N SER J 35 5.03 -8.33 -15.69
CA SER J 35 6.10 -7.59 -16.29
C SER J 35 7.40 -8.20 -15.82
N HIS J 36 7.37 -8.73 -14.62
CA HIS J 36 8.52 -9.42 -14.05
C HIS J 36 8.73 -10.77 -14.66
N SER J 37 7.79 -11.24 -15.46
CA SER J 37 7.93 -12.54 -16.07
C SER J 37 7.77 -13.61 -15.03
N ASN J 38 7.00 -13.30 -13.98
CA ASN J 38 6.60 -14.30 -13.02
C ASN J 38 5.47 -15.11 -13.65
N ILE J 39 5.62 -16.43 -13.72
CA ILE J 39 4.76 -17.21 -14.57
C ILE J 39 4.07 -18.39 -13.94
N VAL J 40 2.94 -18.77 -14.52
CA VAL J 40 2.23 -19.97 -14.17
C VAL J 40 2.20 -20.89 -15.37
N LEU J 41 2.52 -22.16 -15.16
CA LEU J 41 2.56 -23.14 -16.24
C LEU J 41 1.60 -24.30 -16.00
N SER J 42 0.87 -24.69 -17.04
CA SER J 42 0.00 -25.84 -16.98
C SER J 42 0.58 -26.93 -17.86
N ASP J 43 0.43 -28.17 -17.44
CA ASP J 43 0.96 -29.25 -18.23
C ASP J 43 2.45 -29.07 -18.46
N ALA J 44 3.18 -28.83 -17.38
CA ALA J 44 4.59 -28.52 -17.46
C ALA J 44 5.52 -29.65 -17.04
N VAL J 45 6.57 -29.85 -17.83
CA VAL J 45 7.62 -30.82 -17.53
C VAL J 45 8.97 -30.12 -17.53
N GLU J 46 9.84 -30.46 -16.58
CA GLU J 46 11.07 -29.69 -16.41
C GLU J 46 12.32 -30.54 -16.48
N THR J 47 13.40 -29.92 -16.93
CA THR J 47 14.66 -30.61 -17.12
C THR J 47 15.78 -30.01 -16.31
N ILE J 48 16.64 -30.86 -15.78
CA ILE J 48 17.64 -30.48 -14.81
C ILE J 48 18.91 -31.24 -15.10
N TYR J 49 20.02 -30.51 -15.26
CA TYR J 49 21.31 -31.12 -15.53
C TYR J 49 22.10 -31.34 -14.26
N GLN J 50 23.05 -32.27 -14.31
CA GLN J 50 23.89 -32.57 -13.16
C GLN J 50 25.18 -33.27 -13.58
N LEU J 51 26.29 -32.54 -13.50
CA LEU J 51 27.60 -33.09 -13.88
C LEU J 51 28.48 -33.28 -12.65
N GLU J 54 31.85 -35.64 -12.87
CA GLU J 54 32.51 -36.01 -14.11
C GLU J 54 31.54 -36.70 -15.07
N GLU J 55 30.34 -36.16 -15.18
CA GLU J 55 29.33 -36.72 -16.07
C GLU J 55 28.09 -35.84 -16.15
N LEU J 56 27.42 -35.84 -17.30
CA LEU J 56 26.23 -35.02 -17.49
C LEU J 56 24.97 -35.89 -17.39
N SER J 57 24.18 -35.66 -16.35
CA SER J 57 22.95 -36.41 -16.13
C SER J 57 21.77 -35.74 -16.83
N GLU J 58 20.68 -36.49 -16.99
CA GLU J 58 19.49 -35.96 -17.63
C GLU J 58 18.23 -36.37 -16.87
N SER J 59 17.91 -35.62 -15.83
CA SER J 59 16.73 -35.90 -15.02
C SER J 59 15.46 -35.29 -15.64
N GLU J 60 14.34 -35.43 -14.95
CA GLU J 60 13.09 -34.90 -15.42
C GLU J 60 12.02 -34.99 -14.36
N ARG J 61 11.08 -34.04 -14.37
CA ARG J 61 9.97 -34.04 -13.43
C ARG J 61 8.79 -33.28 -14.00
N ARG J 62 7.59 -33.64 -13.57
CA ARG J 62 6.37 -33.09 -14.15
C ARG J 62 5.45 -32.51 -13.10
N SER J 63 4.85 -31.37 -13.39
CA SER J 63 3.97 -30.71 -12.44
C SER J 63 2.63 -30.38 -13.07
N GLU J 64 1.55 -30.64 -12.34
CA GLU J 64 0.23 -30.40 -12.90
C GLU J 64 0.05 -28.93 -13.19
N VAL J 66 2.15 -25.04 -12.00
CA VAL J 66 3.23 -24.48 -11.20
C VAL J 66 3.38 -22.98 -11.36
N PHE J 67 3.84 -22.31 -10.32
CA PHE J 67 4.19 -20.91 -10.42
C PHE J 67 5.68 -20.84 -10.54
N ILE J 68 6.16 -19.98 -11.41
CA ILE J 68 7.59 -19.81 -11.58
C ILE J 68 7.95 -18.40 -11.18
N ARG J 69 8.97 -18.25 -10.35
CA ARG J 69 9.40 -16.94 -9.91
C ARG J 69 10.25 -16.20 -10.92
N GLY J 70 9.69 -15.15 -11.49
CA GLY J 70 10.41 -14.33 -12.44
C GLY J 70 11.90 -14.23 -12.22
N ASP J 71 12.33 -14.09 -10.97
CA ASP J 71 13.72 -13.83 -10.72
C ASP J 71 14.54 -14.77 -11.55
N THR J 72 14.02 -15.95 -11.74
CA THR J 72 14.81 -17.05 -12.23
C THR J 72 14.80 -17.18 -13.74
N VAL J 73 13.80 -16.62 -14.39
CA VAL J 73 13.66 -16.81 -15.82
C VAL J 73 14.78 -16.18 -16.60
N THR J 74 15.31 -16.94 -17.54
CA THR J 74 16.42 -16.50 -18.38
C THR J 74 15.95 -16.10 -19.77
N LEU J 75 15.27 -17.01 -20.46
CA LEU J 75 14.71 -16.69 -21.75
C LEU J 75 13.50 -17.53 -22.02
N ILE J 76 12.57 -17.00 -22.79
CA ILE J 76 11.34 -17.70 -23.13
C ILE J 76 11.02 -17.57 -24.61
N SER J 77 10.71 -18.69 -25.25
CA SER J 77 10.38 -18.70 -26.67
C SER J 77 9.68 -19.99 -27.07
N THR J 78 9.08 -19.99 -28.26
CA THR J 78 8.37 -21.17 -28.75
C THR J 78 9.32 -22.35 -28.92
N PRO J 79 8.86 -23.53 -28.51
CA PRO J 79 9.68 -24.74 -28.61
C PRO J 79 10.18 -24.98 -30.04
N SER K 10 18.49 10.86 -23.74
CA SER K 10 18.03 10.91 -25.13
C SER K 10 18.66 9.79 -25.96
N VAL K 11 19.97 9.66 -25.88
CA VAL K 11 20.69 8.77 -26.76
C VAL K 11 20.19 7.36 -26.53
N THR K 12 19.87 7.04 -25.29
CA THR K 12 19.44 5.68 -25.02
C THR K 12 18.17 5.43 -25.80
N THR K 13 17.27 6.40 -25.81
CA THR K 13 15.96 6.23 -26.43
C THR K 13 16.03 6.02 -27.94
N GLU K 14 16.87 6.77 -28.60
CA GLU K 14 16.93 6.70 -30.06
C GLU K 14 17.36 5.32 -30.53
N PHE K 15 18.38 4.79 -29.87
CA PHE K 15 18.93 3.50 -30.23
C PHE K 15 17.86 2.47 -30.03
N LEU K 16 17.14 2.63 -28.93
CA LEU K 16 16.25 1.61 -28.47
C LEU K 16 15.23 1.41 -29.56
N SER K 17 14.74 2.50 -30.11
CA SER K 17 13.99 2.36 -31.35
C SER K 17 14.81 2.02 -32.59
N ASP K 18 15.99 2.60 -32.70
CA ASP K 18 16.71 2.55 -33.96
C ASP K 18 17.00 1.12 -34.36
N ILE K 19 17.39 0.31 -33.40
CA ILE K 19 17.84 -1.04 -33.68
C ILE K 19 16.81 -2.00 -34.24
N ILE K 20 15.54 -1.82 -33.93
CA ILE K 20 14.57 -2.84 -34.26
C ILE K 20 14.60 -3.09 -35.75
N GLY K 21 14.51 -4.34 -36.13
CA GLY K 21 14.62 -4.75 -37.51
C GLY K 21 16.07 -4.89 -37.94
N LYS K 22 16.99 -4.65 -37.01
CA LYS K 22 18.40 -4.78 -37.31
C LYS K 22 18.94 -5.96 -36.56
N THR K 23 19.88 -6.69 -37.14
CA THR K 23 20.43 -7.85 -36.44
C THR K 23 21.27 -7.37 -35.30
N VAL K 24 21.09 -7.96 -34.13
CA VAL K 24 21.69 -7.44 -32.92
C VAL K 24 22.28 -8.52 -32.05
N ASN K 25 23.20 -8.13 -31.19
CA ASN K 25 23.72 -9.04 -30.20
C ASN K 25 23.22 -8.63 -28.83
N VAL K 26 22.71 -9.59 -28.10
CA VAL K 26 22.25 -9.39 -26.72
C VAL K 26 23.04 -10.32 -25.81
N LYS K 27 23.93 -9.77 -25.01
CA LYS K 27 24.64 -10.60 -24.06
C LYS K 27 23.90 -10.62 -22.73
N LEU K 28 23.93 -11.78 -22.09
CA LEU K 28 23.33 -11.98 -20.79
C LEU K 28 24.35 -11.79 -19.66
N ALA K 29 23.90 -11.91 -18.42
CA ALA K 29 24.82 -11.82 -17.28
C ALA K 29 25.74 -13.04 -17.26
N SER K 30 25.17 -14.21 -17.49
CA SER K 30 25.94 -15.45 -17.57
C SER K 30 26.91 -15.50 -18.73
N GLY K 31 26.93 -14.44 -19.53
CA GLY K 31 27.85 -14.33 -20.66
C GLY K 31 27.42 -15.14 -21.88
N LEU K 32 26.22 -15.70 -21.80
CA LEU K 32 25.62 -16.40 -22.93
C LEU K 32 25.22 -15.42 -24.03
N LEU K 33 25.85 -15.57 -25.19
CA LEU K 33 25.59 -14.71 -26.32
C LEU K 33 24.43 -15.23 -27.15
N TYR K 34 23.52 -14.32 -27.52
CA TYR K 34 22.34 -14.71 -28.28
C TYR K 34 22.16 -13.75 -29.46
N SER K 35 22.35 -14.25 -30.68
CA SER K 35 22.26 -13.40 -31.87
C SER K 35 20.99 -13.59 -32.71
N GLY K 36 20.31 -12.50 -33.01
CA GLY K 36 19.08 -12.56 -33.79
C GLY K 36 18.67 -11.23 -34.38
N ARG K 37 17.76 -11.24 -35.33
CA ARG K 37 17.13 -10.00 -35.77
C ARG K 37 16.18 -9.58 -34.68
N LEU K 38 16.03 -8.28 -34.47
CA LEU K 38 15.25 -7.81 -33.34
C LEU K 38 13.94 -7.16 -33.68
N GLU K 39 12.84 -7.87 -33.46
CA GLU K 39 11.53 -7.27 -33.58
C GLU K 39 11.20 -6.20 -32.56
N SER K 40 11.52 -6.45 -31.30
CA SER K 40 11.06 -5.59 -30.21
C SER K 40 12.07 -5.36 -29.09
N ILE K 41 11.90 -4.24 -28.41
CA ILE K 41 12.74 -3.87 -27.28
C ILE K 41 11.88 -3.21 -26.23
N ASP K 42 12.38 -3.14 -25.01
CA ASP K 42 11.56 -2.79 -23.86
C ASP K 42 12.12 -1.68 -22.99
N GLY K 43 11.24 -1.00 -22.28
CA GLY K 43 11.65 0.05 -21.38
C GLY K 43 12.52 -0.51 -20.29
N PHE K 44 12.17 -1.72 -19.86
CA PHE K 44 12.89 -2.46 -18.85
C PHE K 44 14.00 -3.28 -19.49
N ASN K 46 13.57 -5.47 -21.80
CA ASN K 46 13.10 -6.72 -22.32
C ASN K 46 13.43 -6.74 -23.80
N VAL K 47 13.79 -7.89 -24.34
CA VAL K 47 14.17 -7.96 -25.75
C VAL K 47 13.50 -9.09 -26.50
N ALA K 48 12.86 -8.77 -27.62
CA ALA K 48 12.26 -9.79 -28.48
C ALA K 48 13.20 -10.04 -29.70
N LEU K 49 13.47 -11.31 -30.03
CA LEU K 49 14.33 -11.66 -31.17
C LEU K 49 13.72 -12.73 -32.09
N SER K 50 14.20 -12.79 -33.33
CA SER K 50 13.74 -13.79 -34.30
C SER K 50 14.87 -14.65 -34.80
N SER K 51 14.71 -15.95 -34.63
CA SER K 51 15.73 -16.87 -35.11
C SER K 51 17.01 -16.60 -34.39
N ALA K 52 16.98 -16.59 -33.07
CA ALA K 52 18.21 -16.37 -32.33
C ALA K 52 19.08 -17.61 -32.27
N THR K 53 20.37 -17.41 -32.07
CA THR K 53 21.27 -18.53 -31.84
C THR K 53 22.14 -18.26 -30.62
N GLU K 54 22.39 -19.30 -29.84
CA GLU K 54 23.09 -19.13 -28.56
C GLU K 54 24.54 -19.57 -28.60
N HIS K 55 25.43 -18.68 -28.18
CA HIS K 55 26.84 -19.00 -28.05
C HIS K 55 27.38 -18.40 -26.77
N TYR K 56 28.38 -19.06 -26.18
CA TYR K 56 29.17 -18.47 -25.12
C TYR K 56 29.95 -17.27 -25.64
N GLU K 57 30.40 -17.36 -26.89
CA GLU K 57 31.11 -16.28 -27.56
C GLU K 57 30.57 -14.91 -27.20
N LYS K 62 31.52 -19.23 -30.86
CA LYS K 62 31.35 -20.13 -32.02
C LYS K 62 30.40 -21.31 -31.84
N LEU K 63 30.76 -22.29 -31.01
CA LEU K 63 29.95 -23.51 -30.95
C LEU K 63 28.59 -23.08 -30.49
N LEU K 64 27.55 -23.62 -31.10
CA LEU K 64 26.23 -23.02 -30.95
C LEU K 64 25.09 -23.98 -30.65
N ASN K 65 24.04 -23.44 -30.03
CA ASN K 65 22.71 -24.01 -30.03
C ASN K 65 21.77 -22.89 -30.46
N LYS K 66 20.86 -23.13 -31.39
CA LYS K 66 20.11 -22.02 -31.97
C LYS K 66 18.64 -22.23 -32.19
N PHE K 67 17.91 -21.14 -32.10
CA PHE K 67 16.45 -21.13 -32.17
C PHE K 67 15.76 -21.11 -33.53
N ASN K 68 14.45 -21.35 -33.49
CA ASN K 68 13.58 -21.43 -34.65
C ASN K 68 12.63 -20.25 -34.66
N SER K 69 11.78 -20.21 -33.65
CA SER K 69 10.77 -19.17 -33.57
C SER K 69 11.31 -18.00 -32.76
N ASP K 70 10.43 -17.06 -32.43
CA ASP K 70 10.80 -15.93 -31.62
C ASP K 70 11.47 -16.34 -30.36
N VAL K 71 12.00 -15.37 -29.64
CA VAL K 71 12.45 -15.57 -28.27
C VAL K 71 12.45 -14.31 -27.39
N PHE K 72 12.16 -14.48 -26.11
CA PHE K 72 12.15 -13.40 -25.15
C PHE K 72 13.43 -13.42 -24.34
N LEU K 73 14.04 -12.26 -24.14
CA LEU K 73 15.15 -12.18 -23.22
C LEU K 73 14.78 -11.23 -22.09
N ARG K 74 15.03 -11.65 -20.85
CA ARG K 74 14.63 -10.86 -19.70
C ARG K 74 15.57 -9.72 -19.44
N GLY K 75 15.03 -8.53 -19.26
CA GLY K 75 15.80 -7.31 -19.30
C GLY K 75 16.89 -7.23 -18.28
N THR K 76 16.60 -7.72 -17.08
CA THR K 76 17.53 -7.63 -16.00
C THR K 76 18.79 -8.39 -16.35
N GLN K 77 18.63 -9.47 -17.10
CA GLN K 77 19.74 -10.30 -17.55
C GLN K 77 20.75 -9.68 -18.50
N VAL K 78 20.31 -8.84 -19.43
CA VAL K 78 21.19 -8.32 -20.47
C VAL K 78 22.25 -7.32 -20.00
N TYR K 80 24.32 -5.92 -22.61
CA TYR K 80 24.28 -5.00 -23.75
C TYR K 80 23.52 -5.50 -24.97
N ILE K 81 23.04 -4.56 -25.76
CA ILE K 81 22.46 -4.81 -27.09
C ILE K 81 23.32 -4.11 -28.13
N SER K 82 23.81 -4.88 -29.10
CA SER K 82 24.72 -4.33 -30.09
C SER K 82 24.38 -4.67 -31.52
N GLU K 83 24.26 -3.64 -32.34
CA GLU K 83 24.01 -3.82 -33.76
C GLU K 83 25.21 -4.49 -34.39
N GLN K 84 24.98 -5.15 -35.52
CA GLN K 84 26.04 -5.88 -36.20
C GLN K 84 25.60 -6.36 -37.56
N ILE L 6 29.34 18.66 -9.72
CA ILE L 6 28.92 18.22 -11.04
C ILE L 6 30.12 17.91 -11.94
N LEU L 7 31.27 17.67 -11.34
CA LEU L 7 32.39 17.24 -12.13
C LEU L 7 32.10 15.89 -12.79
N PRO L 8 31.54 14.97 -12.02
CA PRO L 8 31.31 13.59 -12.47
C PRO L 8 30.58 13.51 -13.80
N LEU L 9 29.37 14.06 -13.85
CA LEU L 9 28.54 13.97 -15.03
C LEU L 9 29.23 14.73 -16.13
N GLU L 10 29.74 15.89 -15.77
CA GLU L 10 30.38 16.78 -16.71
C GLU L 10 31.63 16.15 -17.27
N VAL L 11 32.35 15.43 -16.42
CA VAL L 11 33.56 14.79 -16.88
C VAL L 11 33.14 13.84 -17.98
N ILE L 12 32.00 13.20 -17.81
CA ILE L 12 31.52 12.23 -18.78
C ILE L 12 30.90 12.92 -20.00
N ASP L 13 29.92 13.77 -19.74
CA ASP L 13 29.24 14.50 -20.80
C ASP L 13 30.23 15.26 -21.68
N LYS L 14 31.47 15.34 -21.21
CA LYS L 14 32.53 16.02 -21.94
C LYS L 14 33.46 15.00 -22.58
N THR L 15 33.21 13.72 -22.30
CA THR L 15 34.04 12.67 -22.86
C THR L 15 33.44 12.10 -24.11
N ILE L 16 32.27 12.61 -24.47
CA ILE L 16 31.59 12.09 -25.63
C ILE L 16 32.42 12.37 -26.84
N ASN L 17 32.43 11.44 -27.78
CA ASN L 17 33.21 11.53 -29.00
C ASN L 17 34.65 11.12 -28.72
N GLN L 18 34.90 10.68 -27.50
CA GLN L 18 36.22 10.29 -27.05
C GLN L 18 36.26 8.83 -26.65
N LYS L 19 37.36 8.17 -26.94
CA LYS L 19 37.48 6.77 -26.63
C LYS L 19 37.37 6.60 -25.13
N VAL L 20 36.71 5.55 -24.67
CA VAL L 20 36.47 5.40 -23.25
C VAL L 20 36.57 3.96 -22.82
N LEU L 21 36.89 3.74 -21.56
CA LEU L 21 36.89 2.42 -20.97
C LEU L 21 35.69 2.31 -20.06
N ILE L 22 35.09 1.14 -20.03
CA ILE L 22 33.99 0.88 -19.14
C ILE L 22 34.31 -0.38 -18.36
N VAL L 23 34.56 -0.22 -17.07
CA VAL L 23 34.89 -1.34 -16.19
C VAL L 23 33.70 -1.73 -15.32
N LEU L 24 33.33 -2.99 -15.41
CA LEU L 24 32.18 -3.55 -14.75
C LEU L 24 32.54 -4.21 -13.44
N GLN L 25 31.53 -4.40 -12.62
CA GLN L 25 31.68 -5.07 -11.34
C GLN L 25 32.53 -6.33 -11.45
N SER L 26 32.51 -6.96 -12.60
CA SER L 26 33.25 -8.19 -12.77
C SER L 26 34.55 -7.93 -13.46
N ASN L 27 35.26 -9.01 -13.79
CA ASN L 27 36.46 -8.91 -14.60
C ASN L 27 36.07 -8.82 -16.08
N ARG L 28 35.68 -7.63 -16.50
CA ARG L 28 35.15 -7.42 -17.83
C ARG L 28 35.25 -5.95 -18.21
N GLU L 29 36.12 -5.66 -19.17
CA GLU L 29 36.35 -4.29 -19.61
C GLU L 29 35.90 -4.11 -21.05
N PHE L 30 35.06 -3.10 -21.26
CA PHE L 30 34.52 -2.81 -22.58
C PHE L 30 35.04 -1.47 -23.04
N GLU L 31 35.82 -1.44 -24.11
CA GLU L 31 36.39 -0.19 -24.61
C GLU L 31 35.88 0.20 -26.00
N GLY L 32 35.70 1.50 -26.21
CA GLY L 32 35.27 2.02 -27.49
C GLY L 32 34.93 3.49 -27.36
N THR L 33 34.22 4.03 -28.33
CA THR L 33 33.95 5.45 -28.34
C THR L 33 32.60 5.77 -27.73
N LEU L 34 32.60 6.63 -26.74
CA LEU L 34 31.38 6.99 -26.05
C LEU L 34 30.46 7.80 -26.95
N VAL L 35 29.49 7.15 -27.56
CA VAL L 35 28.49 7.88 -28.31
C VAL L 35 27.61 8.73 -27.41
N GLY L 36 27.00 8.11 -26.42
CA GLY L 36 26.14 8.83 -25.49
C GLY L 36 25.83 8.07 -24.22
N PHE L 37 25.35 8.77 -23.19
CA PHE L 37 24.83 8.11 -21.99
C PHE L 37 23.51 8.70 -21.51
N ASP L 38 22.66 7.85 -20.94
CA ASP L 38 21.35 8.29 -20.45
C ASP L 38 21.29 8.61 -18.98
N ASP L 39 20.06 8.82 -18.51
CA ASP L 39 19.76 9.26 -17.15
C ASP L 39 20.23 8.24 -16.14
N PHE L 40 20.08 6.98 -16.50
CA PHE L 40 20.51 5.89 -15.64
C PHE L 40 21.97 5.57 -15.90
N VAL L 41 22.59 6.35 -16.75
CA VAL L 41 23.97 6.14 -17.14
C VAL L 41 24.14 4.79 -17.78
N ASN L 42 23.17 4.42 -18.58
CA ASN L 42 23.33 3.41 -19.58
C ASN L 42 24.19 4.04 -20.65
N VAL L 43 25.10 3.29 -21.23
CA VAL L 43 26.10 3.89 -22.09
C VAL L 43 26.00 3.36 -23.51
N ILE L 44 26.21 4.25 -24.46
CA ILE L 44 26.30 3.89 -25.85
C ILE L 44 27.73 4.00 -26.30
N LEU L 45 28.19 3.00 -27.03
CA LEU L 45 29.58 2.93 -27.43
C LEU L 45 29.77 2.48 -28.84
N GLU L 46 30.77 3.01 -29.54
CA GLU L 46 31.07 2.59 -30.92
C GLU L 46 32.28 1.70 -31.06
N ASP L 47 32.17 0.73 -31.95
CA ASP L 47 33.29 -0.16 -32.19
C ASP L 47 33.88 -0.52 -30.87
N ALA L 48 33.08 -1.17 -30.02
CA ALA L 48 33.53 -1.51 -28.67
C ALA L 48 34.24 -2.86 -28.61
N VAL L 49 35.42 -2.87 -28.00
CA VAL L 49 36.19 -4.10 -27.82
C VAL L 49 35.81 -4.74 -26.49
N GLU L 50 35.51 -6.04 -26.52
CA GLU L 50 35.09 -6.74 -25.32
C GLU L 50 36.23 -7.57 -24.67
N TRP L 51 36.51 -7.30 -23.41
CA TRP L 51 37.62 -7.95 -22.72
C TRP L 51 37.29 -8.44 -21.31
N LEU L 52 37.55 -9.72 -21.08
CA LEU L 52 37.47 -10.34 -19.78
C LEU L 52 38.90 -10.45 -19.28
N ILE L 53 39.20 -9.87 -18.13
CA ILE L 53 40.56 -9.92 -17.58
C ILE L 53 40.75 -10.84 -16.36
N ASP L 54 42.02 -11.09 -16.04
CA ASP L 54 42.46 -11.90 -14.90
C ASP L 54 42.52 -11.09 -13.61
N ARG L 60 47.71 -11.66 -18.16
CA ARG L 60 47.24 -12.36 -19.35
C ARG L 60 45.76 -12.12 -19.60
N ASN L 61 45.45 -11.05 -20.33
CA ASN L 61 44.07 -10.70 -20.64
C ASN L 61 43.49 -11.56 -21.76
N GLU L 62 42.20 -11.39 -22.03
CA GLU L 62 41.53 -12.14 -23.07
C GLU L 62 40.47 -11.30 -23.77
N LYS L 63 40.61 -11.13 -25.08
CA LYS L 63 39.66 -10.33 -25.84
C LYS L 63 38.65 -11.26 -26.43
N VAL L 64 37.38 -10.90 -26.34
CA VAL L 64 36.32 -11.77 -26.78
C VAL L 64 35.93 -11.47 -28.21
N GLN L 66 35.19 -7.97 -31.32
CA GLN L 66 35.17 -6.57 -31.70
C GLN L 66 33.81 -6.23 -32.29
N HIS L 67 33.20 -5.17 -31.79
CA HIS L 67 31.87 -4.82 -32.19
C HIS L 67 31.76 -3.57 -33.03
N HIS L 68 31.75 -3.81 -34.33
CA HIS L 68 31.67 -2.74 -35.29
C HIS L 68 30.26 -2.21 -35.12
N GLY L 69 30.03 -0.98 -35.56
CA GLY L 69 28.76 -0.34 -35.31
C GLY L 69 28.74 0.06 -33.84
N ARG L 70 27.58 -0.09 -33.19
CA ARG L 70 27.48 0.27 -31.78
C ARG L 70 26.85 -0.77 -30.85
N LEU L 72 24.50 -0.85 -26.92
CA LEU L 72 23.83 -0.30 -25.76
C LEU L 72 24.31 -1.05 -24.55
N LEU L 73 25.07 -0.37 -23.71
CA LEU L 73 25.63 -0.99 -22.54
C LEU L 73 24.81 -0.57 -21.35
N SER L 74 24.18 -1.54 -20.70
CA SER L 74 23.31 -1.24 -19.58
C SER L 74 24.15 -0.86 -18.37
N GLY L 75 23.85 0.30 -17.80
CA GLY L 75 24.64 0.91 -16.75
C GLY L 75 24.46 0.29 -15.38
N ASN L 76 23.69 -0.79 -15.36
CA ASN L 76 23.50 -1.60 -14.19
C ASN L 76 24.79 -2.11 -13.65
N ASN L 77 25.62 -2.62 -14.56
CA ASN L 77 26.87 -3.24 -14.19
C ASN L 77 28.06 -2.32 -14.34
N ILE L 78 27.79 -1.07 -14.66
CA ILE L 78 28.86 -0.10 -14.82
C ILE L 78 29.41 0.36 -13.47
N ALA L 79 30.68 0.10 -13.23
CA ALA L 79 31.31 0.49 -11.97
C ALA L 79 32.14 1.75 -12.12
N ILE L 80 33.25 1.67 -12.85
CA ILE L 80 34.05 2.85 -13.15
C ILE L 80 34.03 3.21 -14.63
N LEU L 81 34.03 4.51 -14.94
CA LEU L 81 34.26 4.99 -16.30
C LEU L 81 35.66 5.59 -16.41
N VAL L 82 36.35 5.27 -17.52
CA VAL L 82 37.68 5.81 -17.78
C VAL L 82 37.76 6.42 -19.17
N PRO L 83 38.15 7.68 -19.29
CA PRO L 83 38.27 8.28 -20.61
C PRO L 83 39.58 7.94 -21.33
N GLY L 84 39.54 7.19 -22.40
CA GLY L 84 40.78 6.94 -23.12
C GLY L 84 41.07 5.51 -23.50
N GLY L 85 41.09 4.62 -22.51
CA GLY L 85 41.29 3.21 -22.78
C GLY L 85 42.19 2.53 -21.77
N ASP M 29 29.68 15.84 3.31
CA ASP M 29 30.55 14.78 3.81
C ASP M 29 31.84 14.72 3.01
N LEU M 30 31.72 14.51 1.71
CA LEU M 30 32.86 14.31 0.82
C LEU M 30 33.76 15.51 0.67
N ALA M 31 33.18 16.70 0.66
CA ALA M 31 33.94 17.89 0.40
C ALA M 31 35.02 17.95 1.45
N LYS M 32 34.73 17.40 2.61
CA LYS M 32 35.65 17.41 3.73
C LYS M 32 36.92 16.69 3.31
N TYR M 33 36.72 15.75 2.41
CA TYR M 33 37.80 14.94 1.85
C TYR M 33 38.38 15.63 0.64
N LYS M 34 37.79 16.78 0.28
CA LYS M 34 38.18 17.62 -0.83
C LYS M 34 39.12 17.05 -1.86
N ASP M 35 40.40 17.01 -1.51
CA ASP M 35 41.40 16.51 -2.44
C ASP M 35 42.35 15.55 -1.75
N SER M 36 41.89 14.34 -1.47
CA SER M 36 42.76 13.36 -0.85
C SER M 36 42.50 11.95 -1.34
N LYS M 37 43.46 11.07 -1.13
CA LYS M 37 43.28 9.67 -1.47
C LYS M 37 42.19 9.06 -0.59
N ILE M 38 41.38 8.19 -1.18
CA ILE M 38 40.33 7.56 -0.42
C ILE M 38 40.34 6.13 -0.85
N ARG M 39 39.81 5.25 -0.02
CA ARG M 39 39.78 3.85 -0.36
C ARG M 39 38.35 3.53 -0.61
N VAL M 40 38.03 3.03 -1.79
CA VAL M 40 36.66 2.76 -2.14
C VAL M 40 36.41 1.33 -2.59
N LYS M 41 35.40 0.71 -2.00
CA LYS M 41 35.04 -0.66 -2.30
C LYS M 41 33.76 -0.67 -3.13
N LEU M 42 33.67 -1.57 -4.08
CA LEU M 42 32.58 -1.60 -5.02
C LEU M 42 31.88 -2.93 -5.03
N GLY M 44 30.82 -6.34 -6.30
CA GLY M 44 31.58 -7.25 -7.11
C GLY M 44 32.99 -7.35 -6.58
N GLY M 45 33.32 -6.52 -5.61
CA GLY M 45 34.57 -6.62 -4.91
C GLY M 45 35.73 -5.83 -5.45
N LYS M 46 35.52 -5.14 -6.57
CA LYS M 46 36.52 -4.24 -7.10
C LYS M 46 36.76 -3.13 -6.08
N LEU M 47 38.02 -2.86 -5.77
CA LEU M 47 38.34 -1.93 -4.71
C LEU M 47 39.26 -0.91 -5.33
N VAL M 48 39.10 0.36 -5.02
CA VAL M 48 40.00 1.37 -5.56
C VAL M 48 40.37 2.49 -4.63
N ILE M 49 41.56 3.04 -4.82
CA ILE M 49 42.01 4.20 -4.08
C ILE M 49 42.40 5.26 -5.06
N GLY M 50 42.51 6.50 -4.60
CA GLY M 50 42.93 7.54 -5.51
C GLY M 50 42.50 8.89 -5.01
N VAL M 51 43.28 9.91 -5.31
CA VAL M 51 42.90 11.26 -4.90
C VAL M 51 41.50 11.68 -5.31
N LEU M 52 40.69 12.13 -4.37
CA LEU M 52 39.35 12.54 -4.76
C LEU M 52 39.31 13.99 -5.20
N LYS M 53 39.04 14.23 -6.47
CA LYS M 53 38.95 15.59 -6.95
C LYS M 53 37.54 16.13 -7.09
N GLY M 54 36.54 15.27 -7.18
CA GLY M 54 35.18 15.72 -7.38
C GLY M 54 34.13 14.75 -6.92
N TYR M 55 32.91 15.23 -6.68
CA TYR M 55 31.83 14.35 -6.30
C TYR M 55 30.48 14.94 -6.58
N ASP M 56 29.46 14.11 -6.58
CA ASP M 56 28.09 14.55 -6.79
C ASP M 56 27.19 13.94 -5.72
N GLN M 57 25.97 14.44 -5.60
CA GLN M 57 25.12 14.06 -4.48
C GLN M 57 24.79 12.57 -4.42
N LEU M 58 24.55 11.98 -5.59
CA LEU M 58 24.23 10.56 -5.70
C LEU M 58 25.45 9.69 -5.41
N ASN M 60 28.26 9.50 -6.96
CA ASN M 60 29.18 9.26 -8.07
C ASN M 60 30.40 10.09 -7.72
N LEU M 61 31.60 9.66 -8.09
CA LEU M 61 32.78 10.44 -7.75
C LEU M 61 33.96 10.33 -8.70
N VAL M 62 34.75 11.39 -8.77
CA VAL M 62 35.87 11.50 -9.70
C VAL M 62 37.21 11.30 -9.00
N LEU M 63 38.00 10.33 -9.45
CA LEU M 63 39.24 9.97 -8.77
C LEU M 63 40.48 9.98 -9.65
N ASP M 64 41.59 10.44 -9.09
CA ASP M 64 42.85 10.54 -9.83
C ASP M 64 43.92 9.59 -9.33
N ASP M 65 44.78 9.15 -10.23
CA ASP M 65 45.83 8.20 -9.90
C ASP M 65 45.16 7.02 -9.22
N THR M 66 44.05 6.61 -9.81
CA THR M 66 43.28 5.48 -9.35
C THR M 66 44.06 4.19 -9.50
N VAL M 67 43.90 3.30 -8.54
CA VAL M 67 44.45 1.96 -8.61
C VAL M 67 43.29 1.01 -8.34
N GLU M 68 43.22 -0.06 -9.12
CA GLU M 68 42.12 -0.98 -8.99
C GLU M 68 42.63 -2.38 -8.76
N TYR M 69 42.30 -2.93 -7.61
CA TYR M 69 42.65 -4.30 -7.29
C TYR M 69 41.52 -5.24 -7.70
N SER M 71 39.85 -9.62 -7.63
CA SER M 71 39.84 -11.03 -7.27
C SER M 71 38.60 -11.40 -6.47
N ALA M 86 46.60 -5.12 -8.85
CA ALA M 86 46.58 -3.67 -8.94
C ALA M 86 46.83 -3.17 -10.35
N ARG M 87 46.25 -2.04 -10.70
CA ARG M 87 46.38 -1.52 -12.06
C ARG M 87 46.03 -0.06 -12.07
N LYS M 88 46.98 0.77 -12.49
CA LYS M 88 46.77 2.19 -12.42
C LYS M 88 45.82 2.62 -13.49
N LEU M 89 45.08 3.70 -13.25
CA LEU M 89 44.17 4.33 -14.23
C LEU M 89 44.11 5.82 -13.95
N GLY M 90 43.88 6.64 -14.96
CA GLY M 90 44.02 8.07 -14.76
C GLY M 90 42.86 8.68 -14.03
N LEU M 91 42.34 9.79 -14.55
CA LEU M 91 41.07 10.31 -14.07
C LEU M 91 40.01 9.27 -14.34
N THR M 92 39.08 9.11 -13.41
CA THR M 92 38.01 8.14 -13.53
C THR M 92 36.75 8.69 -12.89
N VAL M 93 35.62 8.14 -13.29
CA VAL M 93 34.38 8.39 -12.57
C VAL M 93 33.95 7.05 -12.02
N ILE M 94 33.75 6.99 -10.71
CA ILE M 94 33.23 5.80 -10.05
C ILE M 94 31.76 6.03 -9.77
N ARG M 95 30.92 5.06 -10.11
CA ARG M 95 29.48 5.25 -10.03
C ARG M 95 28.96 5.02 -8.64
N GLY M 96 28.35 6.04 -8.08
CA GLY M 96 27.96 6.06 -6.70
C GLY M 96 26.75 5.19 -6.49
N THR M 97 26.42 4.40 -7.49
CA THR M 97 25.29 3.50 -7.39
C THR M 97 25.79 2.11 -7.31
N ILE M 98 27.08 1.99 -7.04
CA ILE M 98 27.75 0.72 -7.05
C ILE M 98 28.73 0.78 -5.89
N LEU M 99 28.78 1.95 -5.27
CA LEU M 99 29.70 2.24 -4.20
C LEU M 99 29.23 1.53 -2.95
N VAL M 100 30.19 1.06 -2.14
CA VAL M 100 29.83 0.34 -0.92
C VAL M 100 30.28 1.02 0.36
N SER M 101 31.56 1.34 0.43
CA SER M 101 32.13 1.91 1.63
C SER M 101 33.27 2.76 1.19
N LEU M 102 33.25 4.02 1.59
CA LEU M 102 34.30 4.96 1.23
C LEU M 102 34.99 5.53 2.47
N SER M 103 36.27 5.24 2.61
CA SER M 103 37.04 5.72 3.76
C SER M 103 38.46 6.08 3.34
N SER M 104 39.21 6.67 4.28
CA SER M 104 40.59 7.06 4.02
C SER M 104 41.54 5.91 4.26
N GLU N 22 5.46 -2.35 29.07
CA GLU N 22 5.98 -1.38 28.11
C GLU N 22 6.72 -2.06 26.95
N ASN N 23 5.96 -2.62 26.01
CA ASN N 23 6.55 -3.31 24.88
C ASN N 23 7.24 -2.30 24.01
N LEU N 24 8.40 -2.68 23.50
CA LEU N 24 9.17 -1.81 22.66
C LEU N 24 8.34 -1.55 21.43
N TYR N 25 7.70 -2.59 20.94
CA TYR N 25 6.99 -2.51 19.68
C TYR N 25 5.54 -2.08 19.79
N PHE N 26 4.78 -2.75 20.64
CA PHE N 26 3.36 -2.47 20.74
C PHE N 26 2.91 -1.14 21.32
N GLN N 27 3.50 -0.74 22.43
CA GLN N 27 3.05 0.47 23.09
C GLN N 27 4.06 1.53 22.80
N GLY N 28 5.01 1.19 21.98
CA GLY N 28 6.06 2.14 21.70
C GLY N 28 6.16 2.35 20.23
N SER N 29 5.85 1.32 19.47
CA SER N 29 5.76 1.45 18.02
C SER N 29 7.11 1.73 17.44
N LEU N 31 10.57 0.63 15.41
CA LEU N 31 11.07 -0.30 14.42
C LEU N 31 12.58 -0.24 14.35
N PRO N 32 13.18 -1.24 13.73
CA PRO N 32 14.63 -1.37 13.69
C PRO N 32 15.40 -0.08 13.49
N LEU N 33 14.98 0.76 12.58
CA LEU N 33 15.77 1.95 12.27
C LEU N 33 15.69 2.98 13.36
N TYR N 34 14.74 2.83 14.27
CA TYR N 34 14.65 3.73 15.40
C TYR N 34 15.73 3.41 16.43
N LEU N 35 15.94 2.13 16.68
CA LEU N 35 17.05 1.71 17.56
C LEU N 35 18.38 2.16 16.97
N LEU N 36 18.53 2.02 15.68
CA LEU N 36 19.80 2.34 15.05
C LEU N 36 20.18 3.78 15.27
N THR N 37 19.19 4.65 15.25
CA THR N 37 19.45 6.07 15.36
C THR N 37 19.82 6.40 16.77
N ASN N 38 19.31 5.60 17.69
CA ASN N 38 19.55 5.85 19.10
C ASN N 38 20.81 5.24 19.58
N ALA N 39 21.35 4.32 18.80
CA ALA N 39 22.55 3.63 19.21
C ALA N 39 23.71 4.52 18.84
N LYS N 40 23.40 5.78 18.53
CA LYS N 40 24.42 6.74 18.14
C LYS N 40 25.49 6.89 19.22
N GLY N 41 26.73 7.16 18.79
CA GLY N 41 27.83 7.33 19.72
C GLY N 41 28.16 6.04 20.46
N GLN N 42 27.40 4.99 20.17
CA GLN N 42 27.61 3.71 20.82
C GLN N 42 28.62 2.94 19.99
N GLN N 43 28.83 1.67 20.34
CA GLN N 43 29.71 0.83 19.56
C GLN N 43 28.92 -0.35 19.02
N GLN N 45 29.21 -3.84 15.93
CA GLN N 45 30.01 -4.62 15.01
C GLN N 45 29.13 -5.04 13.83
N ILE N 46 29.42 -4.49 12.66
CA ILE N 46 28.63 -4.62 11.44
C ILE N 46 29.17 -5.73 10.58
N GLU N 47 28.33 -6.63 10.09
CA GLU N 47 28.79 -7.54 9.06
C GLU N 47 28.21 -7.23 7.69
N LEU N 48 29.08 -6.92 6.75
CA LEU N 48 28.73 -6.71 5.36
C LEU N 48 28.59 -8.00 4.61
N LYS N 49 28.01 -7.91 3.42
CA LYS N 49 27.73 -9.11 2.64
C LYS N 49 29.00 -9.67 2.08
N ASN N 50 30.11 -9.00 2.36
CA ASN N 50 31.41 -9.44 1.87
C ASN N 50 32.11 -10.27 2.95
N GLY N 51 31.40 -10.54 4.03
CA GLY N 51 31.99 -11.29 5.10
C GLY N 51 32.83 -10.31 5.88
N GLU N 52 33.20 -9.22 5.25
CA GLU N 52 34.03 -8.25 5.94
C GLU N 52 33.27 -7.86 7.16
N ILE N 53 33.98 -7.58 8.25
CA ILE N 53 33.38 -7.17 9.51
C ILE N 53 33.93 -5.83 9.93
N ILE N 54 33.08 -4.96 10.45
CA ILE N 54 33.50 -3.65 10.88
C ILE N 54 33.08 -3.28 12.30
N GLN N 55 34.02 -2.82 13.12
CA GLN N 55 33.78 -2.40 14.49
C GLN N 55 34.05 -0.92 14.55
N GLY N 56 33.13 -0.16 15.10
CA GLY N 56 33.25 1.27 15.08
C GLY N 56 32.34 1.91 16.07
N ILE N 57 32.45 3.22 16.22
CA ILE N 57 31.47 3.93 16.97
C ILE N 57 30.58 4.68 16.00
N LEU N 58 29.31 4.30 15.97
CA LEU N 58 28.34 4.93 15.07
C LEU N 58 28.31 6.44 15.25
N THR N 59 28.63 7.16 14.19
CA THR N 59 28.63 8.62 14.23
C THR N 59 27.35 9.19 13.64
N ASN N 60 26.67 8.38 12.83
CA ASN N 60 25.42 8.78 12.21
C ASN N 60 24.82 7.81 11.21
N VAL N 61 23.50 7.94 11.05
CA VAL N 61 22.69 6.98 10.31
C VAL N 61 21.69 7.62 9.37
N ASP N 62 21.64 7.08 8.15
CA ASP N 62 20.70 7.46 7.11
C ASP N 62 19.34 6.80 7.27
N ASN N 63 18.32 7.33 6.60
CA ASN N 63 17.03 6.66 6.55
C ASN N 63 17.10 5.41 5.69
N TRP N 64 18.20 5.26 4.99
CA TRP N 64 18.41 4.11 4.16
C TRP N 64 19.34 3.15 4.85
N ASN N 66 22.31 3.84 5.80
CA ASN N 66 23.69 4.12 5.43
C ASN N 66 24.32 4.91 6.57
N LEU N 67 25.46 4.44 7.06
CA LEU N 67 25.96 4.97 8.30
C LEU N 67 27.43 5.34 8.27
N THR N 68 27.84 6.18 9.22
CA THR N 68 29.21 6.62 9.39
C THR N 68 29.71 6.18 10.76
N LEU N 69 30.91 5.62 10.83
CA LEU N 69 31.42 5.13 12.11
C LEU N 69 32.63 5.85 12.64
N SER N 70 32.55 6.29 13.88
CA SER N 70 33.58 7.14 14.49
C SER N 70 34.96 6.48 14.53
N ASN N 71 35.06 5.39 15.28
CA ASN N 71 36.36 4.77 15.52
C ASN N 71 36.33 3.38 14.93
N VAL N 72 37.26 3.08 14.03
CA VAL N 72 37.05 1.90 13.23
C VAL N 72 38.16 0.88 13.20
N THR N 73 37.74 -0.36 13.18
CA THR N 73 38.60 -1.48 12.92
C THR N 73 37.93 -2.21 11.79
N GLU N 74 38.68 -2.98 11.00
CA GLU N 74 38.09 -3.64 9.84
C GLU N 74 38.82 -4.92 9.47
N VAL N 93 43.27 -3.35 9.78
CA VAL N 93 43.17 -1.96 9.33
C VAL N 93 42.40 -1.13 10.34
N LYS N 94 42.95 0.02 10.71
CA LYS N 94 42.29 0.92 11.65
C LYS N 94 42.04 2.29 11.03
N LEU N 95 40.82 2.78 11.12
CA LEU N 95 40.43 4.01 10.42
C LEU N 95 39.71 5.03 11.28
N ASN N 96 40.02 6.30 11.06
CA ASN N 96 39.38 7.39 11.79
C ASN N 96 37.90 7.51 11.47
N GLU N 97 37.55 7.35 10.20
CA GLU N 97 36.15 7.46 9.77
C GLU N 97 35.83 6.44 8.70
N ILE N 98 34.56 6.10 8.60
CA ILE N 98 34.07 5.30 7.49
C ILE N 98 32.60 5.57 7.19
N TYR N 99 32.23 5.44 5.93
CA TYR N 99 30.87 5.47 5.46
C TYR N 99 30.53 4.12 4.91
N ILE N 100 29.33 3.63 5.23
CA ILE N 100 28.88 2.32 4.80
C ILE N 100 27.55 2.50 4.08
N ARG N 101 27.26 1.71 3.06
CA ARG N 101 25.99 1.85 2.39
C ARG N 101 24.99 0.88 2.99
N GLY N 102 23.75 1.31 3.16
CA GLY N 102 22.77 0.51 3.83
C GLY N 102 22.50 -0.85 3.25
N THR N 103 22.75 -1.01 1.96
CA THR N 103 22.28 -2.16 1.23
C THR N 103 23.31 -3.24 1.16
N PHE N 104 24.49 -2.93 1.69
CA PHE N 104 25.56 -3.90 1.77
C PHE N 104 25.69 -4.53 3.13
N ILE N 105 24.89 -4.03 4.07
CA ILE N 105 24.92 -4.49 5.44
C ILE N 105 24.29 -5.86 5.55
N LYS N 106 24.79 -6.69 6.45
CA LYS N 106 24.19 -7.99 6.65
C LYS N 106 23.33 -8.00 7.90
N PHE N 107 23.97 -7.73 9.03
CA PHE N 107 23.29 -7.69 10.33
C PHE N 107 24.20 -7.02 11.34
N ILE N 108 23.64 -6.12 12.14
CA ILE N 108 24.42 -5.35 13.10
C ILE N 108 24.23 -5.82 14.54
N LYS N 109 25.35 -5.90 15.27
CA LYS N 109 25.33 -6.24 16.67
C LYS N 109 25.55 -4.96 17.45
N LEU N 110 24.66 -4.70 18.39
CA LEU N 110 24.61 -3.46 19.14
C LEU N 110 24.71 -3.79 20.59
N GLN N 111 25.07 -2.80 21.39
CA GLN N 111 25.31 -3.01 22.81
C GLN N 111 24.05 -3.47 23.53
N ASP N 112 24.22 -4.31 24.52
CA ASP N 112 23.10 -4.97 25.14
C ASP N 112 22.17 -3.95 25.74
N ASN N 113 22.69 -2.78 26.08
CA ASN N 113 21.85 -1.73 26.59
C ASN N 113 21.21 -0.88 25.48
N ILE N 114 20.52 -1.52 24.54
CA ILE N 114 19.82 -0.75 23.51
C ILE N 114 18.33 -0.97 23.52
N ILE N 115 17.90 -2.03 24.15
CA ILE N 115 16.50 -2.44 24.09
C ILE N 115 15.87 -1.70 25.22
N ASP N 116 16.69 -0.97 25.93
CA ASP N 116 16.27 -0.34 27.16
C ASP N 116 16.23 1.14 27.02
N LYS N 117 17.30 1.67 26.45
CA LYS N 117 17.39 3.08 26.21
C LYS N 117 16.06 3.47 25.63
N VAL N 118 15.68 2.74 24.59
CA VAL N 118 14.43 2.98 23.92
C VAL N 118 13.23 2.72 24.83
N LYS N 119 13.28 1.67 25.63
CA LYS N 119 12.15 1.35 26.49
C LYS N 119 11.95 2.51 27.45
N GLN N 120 13.04 3.07 27.93
CA GLN N 120 12.96 4.24 28.76
C GLN N 120 12.38 5.40 27.98
N GLN N 121 12.72 5.48 26.71
CA GLN N 121 12.15 6.50 25.84
C GLN N 121 10.63 6.44 25.91
#